data_9MEV
#
_entry.id   9MEV
#
_cell.length_a   50.641
_cell.length_b   93.465
_cell.length_c   86.434
_cell.angle_alpha   90.000
_cell.angle_beta   93.482
_cell.angle_gamma   90.000
#
_symmetry.space_group_name_H-M   'P 1 21 1'
#
loop_
_entity.id
_entity.type
_entity.pdbx_description
1 polymer 'H1H3 HA'
2 polymer 'FluA20 Heavy Chain Fab'
3 polymer 'FluA20 Light Chain Fab'
4 branched 2-acetamido-2-deoxy-beta-D-glucopyranose-(1-4)-2-acetamido-2-deoxy-beta-D-glucopyranose
5 non-polymer 2-acetamido-2-deoxy-beta-D-glucopyranose
6 non-polymer 1,2-ETHANEDIOL
7 water water
#
loop_
_entity_poly.entity_id
_entity_poly.type
_entity_poly.pdbx_seq_one_letter_code
_entity_poly.pdbx_strand_id
1 'polypeptide(L)'
;APLQLGNCSVAGWILGNPECELLISRESWSYIVEKPNPENGTCYPGHFADYEELREQLSSVSSFERFEIFPKESSWPNHT
QNGGSNSCSHNGESSFYKNLLWLTKSGSLYPNLSKSYANNKEKEVLVLWGVHHPPTIQEQTSLYVKENAYVSVVSSHYSR
KFTPEIAKRPKVRDQEGRINYYWTLLEPGDTIIFEANGNLIAPRYAFALSRGSGLVPRGSGHHHHHH
;
B
2 'polypeptide(L)'
;QVQLEESGPGLVKPSETLSLTCSVSGVSVTSDIYYWTWIRQPPGKGLEWIGYIFYNGDTNYNPSLKSRVTMSIDTSKNEF
SLRLTSVTAADTAVYFCARGTEDLGYCSSGSCPNHWGQGTLVTVSSASTKGPSVFPLAPSSKSTSGGTAALGCLVKDYFP
EPVTVSWNSGALTSGVHTFPAVLQSSGLYSLSSVVTVPSSSLGTQTYICNVNHKPSNTKVDKRVEPKSCHHHHHH
;
H
3 'polypeptide(L)'
;DIVMTQSPSSLSASIGDRVTITCRPSQNIRSFLNWFQHKPGKAPKLLIYAASNLQSGVPSRFSGSGSGTEFTLTIRSLQP
EDFATYYCQQSYNTPPTFGQGTKVEIKRTVAAPSVFIFPPSDEQLKSGTASVVCLLNNFYPREAKVQWKVDNALQSGNSQ
ESVTEQDSKDSTYSLSSTLTLSKADYEKHKVYACEVTHQGLSSPVTKSFNRGEC
;
L
#
loop_
_chem_comp.id
_chem_comp.type
_chem_comp.name
_chem_comp.formula
EDO non-polymer 1,2-ETHANEDIOL 'C2 H6 O2'
NAG D-saccharide, beta linking 2-acetamido-2-deoxy-beta-D-glucopyranose 'C8 H15 N O6'
#
# COMPACT_ATOMS: atom_id res chain seq x y z
N ALA A 1 -2.80 -21.82 -42.54
CA ALA A 1 -1.55 -21.98 -41.79
C ALA A 1 -1.49 -20.99 -40.62
N PRO A 2 -0.96 -21.45 -39.49
CA PRO A 2 -0.93 -20.57 -38.30
C PRO A 2 0.00 -19.39 -38.49
N LEU A 3 -0.31 -18.31 -37.77
CA LEU A 3 0.51 -17.12 -37.74
C LEU A 3 1.38 -17.16 -36.48
N GLN A 4 2.69 -17.20 -36.67
CA GLN A 4 3.63 -17.32 -35.56
C GLN A 4 4.07 -15.92 -35.12
N LEU A 5 3.69 -15.54 -33.89
CA LEU A 5 4.06 -14.25 -33.34
C LEU A 5 5.32 -14.32 -32.48
N GLY A 6 5.87 -15.51 -32.25
CA GLY A 6 7.11 -15.62 -31.51
C GLY A 6 6.95 -15.16 -30.07
N ASN A 7 7.69 -14.11 -29.72
CA ASN A 7 7.66 -13.59 -28.37
C ASN A 7 6.76 -12.38 -28.24
N CYS A 8 5.93 -12.16 -29.23
CA CYS A 8 5.06 -11.02 -29.20
C CYS A 8 3.59 -11.33 -29.03
N SER A 9 2.85 -10.38 -28.47
CA SER A 9 1.43 -10.52 -28.32
C SER A 9 0.75 -9.95 -29.56
N VAL A 10 -0.54 -10.18 -29.71
CA VAL A 10 -1.27 -9.57 -30.81
C VAL A 10 -1.13 -8.05 -30.75
N ALA A 11 -1.21 -7.48 -29.57
CA ALA A 11 -1.03 -6.04 -29.41
C ALA A 11 0.34 -5.53 -29.88
N GLY A 12 1.40 -6.20 -29.46
CA GLY A 12 2.74 -5.82 -29.86
C GLY A 12 2.93 -5.92 -31.36
N TRP A 13 2.38 -6.95 -31.96
CA TRP A 13 2.42 -7.10 -33.40
C TRP A 13 1.59 -6.05 -34.11
N ILE A 14 0.31 -5.92 -33.76
CA ILE A 14 -0.58 -4.99 -34.44
C ILE A 14 -0.18 -3.51 -34.29
N LEU A 15 0.34 -3.14 -33.14
CA LEU A 15 0.75 -1.77 -32.91
C LEU A 15 2.15 -1.50 -33.46
N GLY A 16 2.93 -2.55 -33.61
CA GLY A 16 4.29 -2.40 -34.06
C GLY A 16 5.34 -2.21 -33.02
N ASN A 17 5.25 -2.91 -31.91
CA ASN A 17 6.29 -2.88 -30.92
C ASN A 17 7.58 -3.09 -31.66
N PRO A 18 8.53 -2.20 -31.44
CA PRO A 18 9.81 -2.27 -32.15
C PRO A 18 10.51 -3.64 -32.10
N GLU A 19 10.34 -4.42 -31.05
CA GLU A 19 10.93 -5.76 -30.95
C GLU A 19 10.16 -6.83 -31.74
N CYS A 20 9.05 -6.44 -32.32
CA CYS A 20 8.23 -7.37 -33.07
C CYS A 20 8.39 -7.13 -34.57
N GLU A 21 9.54 -6.62 -34.97
CA GLU A 21 9.79 -6.28 -36.35
C GLU A 21 10.24 -7.39 -37.27
N LEU A 22 10.91 -8.42 -36.76
CA LEU A 22 11.45 -9.44 -37.66
C LEU A 22 10.36 -10.43 -38.03
N LEU A 23 9.20 -10.26 -37.47
CA LEU A 23 8.10 -11.15 -37.81
C LEU A 23 7.99 -11.17 -39.32
N ILE A 24 7.94 -12.32 -39.90
CA ILE A 24 7.92 -12.48 -41.35
C ILE A 24 6.57 -12.10 -41.95
N SER A 25 6.56 -11.58 -43.16
CA SER A 25 5.31 -11.12 -43.73
C SER A 25 4.36 -12.26 -44.11
N ARG A 26 3.07 -12.05 -43.89
CA ARG A 26 2.09 -13.03 -44.23
C ARG A 26 0.89 -12.31 -44.77
N GLU A 27 0.31 -12.83 -45.84
CA GLU A 27 -0.90 -12.27 -46.38
C GLU A 27 -2.13 -13.02 -45.96
N SER A 28 -1.94 -14.20 -45.41
CA SER A 28 -3.05 -15.01 -44.95
C SER A 28 -2.65 -15.89 -43.81
N TRP A 29 -3.62 -16.24 -43.00
CA TRP A 29 -3.39 -17.15 -41.90
C TRP A 29 -4.68 -17.59 -41.21
N SER A 30 -4.61 -18.66 -40.45
CA SER A 30 -5.74 -19.10 -39.66
C SER A 30 -5.10 -19.56 -38.37
N TYR A 31 -5.56 -19.04 -37.24
CA TYR A 31 -4.96 -19.33 -35.94
C TYR A 31 -3.67 -18.55 -35.67
N ILE A 32 -3.64 -17.86 -34.55
CA ILE A 32 -2.48 -17.12 -34.19
C ILE A 32 -1.77 -17.77 -33.03
N VAL A 33 -0.50 -18.01 -33.19
CA VAL A 33 0.26 -18.69 -32.17
C VAL A 33 0.91 -17.66 -31.25
N GLU A 34 0.38 -17.56 -30.04
CA GLU A 34 0.85 -16.58 -29.07
C GLU A 34 1.22 -17.30 -27.78
N LYS A 35 2.36 -16.93 -27.20
CA LYS A 35 2.78 -17.51 -25.94
C LYS A 35 1.79 -17.14 -24.83
N PRO A 36 1.73 -17.92 -23.75
CA PRO A 36 0.82 -17.57 -22.64
C PRO A 36 1.12 -16.21 -22.03
N ASN A 37 2.40 -15.86 -21.92
CA ASN A 37 2.78 -14.54 -21.40
C ASN A 37 3.84 -13.90 -22.28
N PRO A 38 3.39 -13.30 -23.40
CA PRO A 38 4.38 -12.73 -24.32
C PRO A 38 5.24 -11.61 -23.73
N GLU A 39 6.50 -11.59 -24.08
CA GLU A 39 7.42 -10.61 -23.57
C GLU A 39 7.28 -9.25 -24.21
N ASN A 40 6.83 -9.21 -25.44
CA ASN A 40 6.76 -7.95 -26.13
C ASN A 40 5.36 -7.64 -26.61
N GLY A 41 4.72 -6.74 -25.90
CA GLY A 41 3.40 -6.31 -26.28
C GLY A 41 3.21 -4.81 -26.23
N THR A 42 2.38 -4.34 -25.32
CA THR A 42 2.16 -2.92 -25.16
C THR A 42 3.31 -2.33 -24.36
N CYS A 43 4.42 -2.06 -25.03
CA CYS A 43 5.62 -1.54 -24.40
C CYS A 43 5.36 -0.24 -23.67
N TYR A 44 4.52 0.60 -24.22
CA TYR A 44 4.11 1.80 -23.52
C TYR A 44 2.79 1.45 -22.87
N PRO A 45 2.76 1.52 -21.54
CA PRO A 45 1.56 1.07 -20.81
C PRO A 45 0.25 1.78 -21.15
N GLY A 46 -0.84 1.02 -21.13
CA GLY A 46 -2.15 1.55 -21.43
C GLY A 46 -3.24 0.52 -21.63
N HIS A 47 -4.47 0.99 -21.76
CA HIS A 47 -5.58 0.09 -21.99
C HIS A 47 -5.86 -0.13 -23.48
N PHE A 48 -5.83 -1.37 -23.89
CA PHE A 48 -6.12 -1.73 -25.28
C PHE A 48 -7.59 -2.07 -25.40
N ALA A 49 -8.34 -1.15 -25.94
CA ALA A 49 -9.76 -1.34 -26.03
C ALA A 49 -10.22 -2.47 -26.95
N ASP A 50 -11.25 -3.18 -26.52
CA ASP A 50 -11.83 -4.24 -27.34
C ASP A 50 -10.78 -5.19 -27.87
N TYR A 51 -9.82 -5.54 -27.02
CA TYR A 51 -8.70 -6.36 -27.45
C TYR A 51 -9.07 -7.78 -27.81
N GLU A 52 -9.88 -8.41 -26.97
CA GLU A 52 -10.28 -9.78 -27.18
C GLU A 52 -11.10 -9.89 -28.47
N GLU A 53 -11.93 -8.92 -28.74
CA GLU A 53 -12.64 -8.91 -29.98
C GLU A 53 -11.63 -8.80 -31.14
N LEU A 54 -10.65 -7.92 -31.00
CA LEU A 54 -9.66 -7.75 -32.05
C LEU A 54 -8.92 -9.05 -32.28
N ARG A 55 -8.54 -9.72 -31.20
CA ARG A 55 -7.88 -11.00 -31.30
C ARG A 55 -8.74 -12.01 -32.08
N GLU A 56 -10.05 -12.00 -31.84
CA GLU A 56 -10.95 -12.89 -32.55
C GLU A 56 -11.13 -12.51 -34.01
N GLN A 57 -11.14 -11.22 -34.29
CA GLN A 57 -11.38 -10.78 -35.65
C GLN A 57 -10.14 -10.97 -36.51
N LEU A 58 -9.00 -11.19 -35.89
CA LEU A 58 -7.78 -11.35 -36.63
C LEU A 58 -7.32 -12.80 -36.60
N SER A 59 -8.14 -13.67 -36.04
CA SER A 59 -7.80 -15.08 -35.90
C SER A 59 -7.69 -15.76 -37.25
N SER A 60 -8.53 -15.36 -38.18
CA SER A 60 -8.48 -15.91 -39.51
C SER A 60 -8.61 -14.80 -40.53
N VAL A 61 -7.60 -14.64 -41.36
CA VAL A 61 -7.56 -13.58 -42.35
C VAL A 61 -7.19 -14.15 -43.70
N SER A 62 -7.86 -13.69 -44.75
CA SER A 62 -7.61 -14.18 -46.09
C SER A 62 -6.69 -13.25 -46.84
N SER A 63 -6.78 -11.97 -46.56
CA SER A 63 -5.88 -11.01 -47.20
C SER A 63 -5.46 -9.99 -46.17
N PHE A 64 -4.19 -9.64 -46.19
CA PHE A 64 -3.66 -8.69 -45.23
C PHE A 64 -2.63 -7.81 -45.90
N GLU A 65 -2.84 -6.51 -45.83
CA GLU A 65 -1.91 -5.59 -46.40
C GLU A 65 -1.72 -4.36 -45.55
N ARG A 66 -0.49 -4.10 -45.15
CA ARG A 66 -0.19 -2.91 -44.39
C ARG A 66 0.19 -1.78 -45.31
N PHE A 67 -0.40 -0.62 -45.10
CA PHE A 67 -0.09 0.56 -45.88
C PHE A 67 -0.01 1.81 -44.99
N GLU A 68 0.69 2.84 -45.46
CA GLU A 68 0.81 4.08 -44.70
C GLU A 68 -0.37 4.99 -44.91
N ILE A 69 -1.40 4.79 -44.13
CA ILE A 69 -2.59 5.61 -44.23
C ILE A 69 -2.26 7.09 -44.11
N PHE A 70 -1.34 7.43 -43.23
CA PHE A 70 -0.94 8.81 -43.01
C PHE A 70 0.57 8.86 -43.05
N PRO A 71 1.13 9.06 -44.23
CA PRO A 71 2.58 9.04 -44.36
C PRO A 71 3.26 10.07 -43.49
N LYS A 72 4.32 9.66 -42.83
CA LYS A 72 5.02 10.53 -41.91
C LYS A 72 5.63 11.77 -42.53
N GLU A 73 6.14 11.63 -43.72
CA GLU A 73 6.84 12.73 -44.34
C GLU A 73 5.98 13.88 -44.87
N SER A 74 4.69 13.67 -45.02
CA SER A 74 3.84 14.69 -45.58
C SER A 74 2.57 14.98 -44.85
N SER A 75 2.22 14.17 -43.87
CA SER A 75 0.92 14.36 -43.24
C SER A 75 0.92 15.35 -42.10
N TRP A 76 2.06 15.59 -41.50
CA TRP A 76 2.10 16.42 -40.30
C TRP A 76 3.10 17.58 -40.37
N PRO A 77 2.84 18.51 -41.27
CA PRO A 77 3.76 19.63 -41.44
C PRO A 77 3.78 20.56 -40.24
N ASN A 78 2.69 20.64 -39.51
CA ASN A 78 2.58 21.56 -38.39
C ASN A 78 2.90 20.99 -37.02
N HIS A 79 3.33 19.74 -36.96
CA HIS A 79 3.60 19.12 -35.70
C HIS A 79 4.89 18.36 -35.72
N THR A 80 5.48 18.16 -34.56
CA THR A 80 6.68 17.39 -34.45
C THR A 80 6.41 15.96 -34.02
N GLN A 81 7.39 15.09 -34.22
CA GLN A 81 7.27 13.72 -33.73
C GLN A 81 8.11 13.50 -32.46
N ASN A 82 7.45 13.13 -31.37
CA ASN A 82 8.16 12.82 -30.14
C ASN A 82 9.31 11.84 -30.31
N GLY A 83 10.24 11.88 -29.37
CA GLY A 83 11.36 10.96 -29.38
C GLY A 83 10.97 9.60 -28.82
N GLY A 84 9.68 9.36 -28.58
CA GLY A 84 9.23 8.05 -28.14
C GLY A 84 9.45 7.71 -26.68
N SER A 85 10.01 6.55 -26.38
CA SER A 85 10.18 6.15 -25.01
C SER A 85 11.18 5.06 -24.72
N ASN A 86 11.71 5.07 -23.52
CA ASN A 86 12.60 4.03 -23.09
C ASN A 86 11.84 2.74 -22.82
N SER A 87 10.57 2.88 -22.52
CA SER A 87 9.72 1.72 -22.32
C SER A 87 9.56 0.96 -23.64
N CYS A 88 9.82 1.61 -24.74
CA CYS A 88 9.72 0.99 -26.05
C CYS A 88 11.09 1.02 -26.75
N SER A 89 12.08 0.44 -26.09
CA SER A 89 13.43 0.48 -26.60
C SER A 89 13.81 -0.57 -27.61
N HIS A 90 14.65 -0.19 -28.56
CA HIS A 90 15.15 -1.12 -29.55
C HIS A 90 16.63 -0.88 -29.69
N ASN A 91 17.39 -1.95 -29.56
CA ASN A 91 18.83 -1.84 -29.69
C ASN A 91 19.41 -0.80 -28.75
N GLY A 92 19.06 -0.85 -27.48
CA GLY A 92 19.65 0.07 -26.52
C GLY A 92 19.29 1.52 -26.68
N GLU A 93 18.35 1.81 -27.57
CA GLU A 93 17.92 3.18 -27.77
C GLU A 93 16.42 3.31 -27.68
N SER A 94 15.98 4.48 -27.23
CA SER A 94 14.57 4.74 -27.11
C SER A 94 13.88 4.75 -28.46
N SER A 95 12.73 4.12 -28.55
CA SER A 95 11.96 4.12 -29.78
C SER A 95 10.45 4.17 -29.51
N PHE A 96 9.66 3.74 -30.48
CA PHE A 96 8.21 3.74 -30.35
C PHE A 96 7.57 2.75 -31.31
N TYR A 97 6.27 2.63 -31.23
CA TYR A 97 5.57 1.75 -32.12
C TYR A 97 5.74 2.16 -33.57
N LYS A 98 5.92 1.19 -34.44
CA LYS A 98 6.12 1.47 -35.86
C LYS A 98 4.87 1.90 -36.59
N ASN A 99 3.72 1.46 -36.14
CA ASN A 99 2.47 1.77 -36.82
C ASN A 99 1.78 3.03 -36.34
N LEU A 100 2.33 3.64 -35.31
CA LEU A 100 1.75 4.85 -34.75
C LEU A 100 2.76 5.99 -34.71
N LEU A 101 2.27 7.20 -34.58
CA LEU A 101 3.13 8.38 -34.58
C LEU A 101 2.77 9.33 -33.44
N TRP A 102 3.74 9.56 -32.58
CA TRP A 102 3.53 10.40 -31.46
C TRP A 102 3.73 11.86 -31.83
N LEU A 103 2.65 12.55 -32.05
CA LEU A 103 2.73 13.95 -32.40
C LEU A 103 2.93 14.84 -31.19
N THR A 104 3.79 15.83 -31.34
CA THR A 104 4.07 16.74 -30.27
C THR A 104 4.03 18.19 -30.79
N LYS A 105 4.15 19.14 -29.89
CA LYS A 105 4.15 20.54 -30.27
C LYS A 105 5.25 20.94 -31.27
N SER A 106 4.95 21.93 -32.08
CA SER A 106 5.97 22.48 -32.98
C SER A 106 6.18 23.93 -32.58
N GLY A 107 7.27 24.19 -31.86
CA GLY A 107 7.51 25.53 -31.36
C GLY A 107 6.74 25.77 -30.08
N SER A 108 5.99 26.88 -30.04
CA SER A 108 5.20 27.25 -28.88
C SER A 108 3.74 26.86 -29.01
N LEU A 109 3.42 26.08 -30.02
CA LEU A 109 2.06 25.64 -30.22
C LEU A 109 1.86 24.21 -30.73
N TYR A 110 0.76 23.58 -30.34
CA TYR A 110 0.40 22.30 -30.87
C TYR A 110 -0.85 22.66 -31.64
N PRO A 111 -0.71 22.90 -32.92
CA PRO A 111 -1.87 23.37 -33.68
C PRO A 111 -2.99 22.36 -33.79
N ASN A 112 -4.20 22.84 -34.00
CA ASN A 112 -5.33 21.95 -34.20
C ASN A 112 -5.10 21.11 -35.43
N LEU A 113 -5.57 19.88 -35.41
CA LEU A 113 -5.35 19.00 -36.53
C LEU A 113 -6.62 18.35 -37.02
N SER A 114 -6.72 18.16 -38.32
CA SER A 114 -7.86 17.47 -38.90
C SER A 114 -7.31 16.66 -40.03
N LYS A 115 -7.33 15.36 -39.88
CA LYS A 115 -6.87 14.48 -40.95
C LYS A 115 -7.93 13.43 -41.22
N SER A 116 -8.20 13.20 -42.51
CA SER A 116 -9.23 12.27 -42.93
CA SER A 116 -9.23 12.26 -42.93
C SER A 116 -8.65 11.27 -43.92
N TYR A 117 -9.29 10.11 -44.02
CA TYR A 117 -8.90 9.06 -44.94
C TYR A 117 -10.15 8.39 -45.49
N ALA A 118 -10.23 8.28 -46.81
CA ALA A 118 -11.31 7.57 -47.48
C ALA A 118 -10.85 6.18 -47.87
N ASN A 119 -11.65 5.18 -47.55
CA ASN A 119 -11.31 3.80 -47.90
C ASN A 119 -11.46 3.60 -49.41
N ASN A 120 -10.39 3.89 -50.16
CA ASN A 120 -10.43 3.73 -51.61
C ASN A 120 -10.38 2.27 -52.02
N LYS A 121 -9.80 1.41 -51.18
CA LYS A 121 -9.73 0.00 -51.48
C LYS A 121 -11.10 -0.64 -51.36
N GLU A 122 -11.22 -1.85 -51.93
CA GLU A 122 -12.46 -2.61 -51.87
C GLU A 122 -12.47 -3.61 -50.71
N LYS A 123 -11.60 -3.40 -49.72
CA LYS A 123 -11.51 -4.25 -48.54
C LYS A 123 -11.66 -3.38 -47.30
N GLU A 124 -11.91 -4.04 -46.16
CA GLU A 124 -11.98 -3.31 -44.90
C GLU A 124 -10.58 -2.93 -44.44
N VAL A 125 -10.50 -1.79 -43.75
CA VAL A 125 -9.23 -1.23 -43.30
C VAL A 125 -9.26 -1.16 -41.78
N LEU A 126 -8.26 -1.79 -41.14
CA LEU A 126 -8.12 -1.74 -39.68
C LEU A 126 -7.27 -0.53 -39.33
N VAL A 127 -7.87 0.44 -38.64
CA VAL A 127 -7.19 1.66 -38.23
C VAL A 127 -7.01 1.61 -36.72
N LEU A 128 -5.80 1.93 -36.29
CA LEU A 128 -5.48 1.96 -34.88
C LEU A 128 -4.87 3.29 -34.47
N TRP A 129 -5.15 3.69 -33.25
CA TRP A 129 -4.65 4.93 -32.74
C TRP A 129 -4.61 4.92 -31.23
N GLY A 130 -4.05 5.98 -30.67
CA GLY A 130 -3.96 6.09 -29.25
C GLY A 130 -4.21 7.47 -28.70
N VAL A 131 -4.43 7.52 -27.39
CA VAL A 131 -4.61 8.79 -26.73
C VAL A 131 -3.70 8.81 -25.51
N HIS A 132 -2.84 9.79 -25.44
CA HIS A 132 -1.90 9.90 -24.33
C HIS A 132 -2.44 10.60 -23.09
N HIS A 133 -2.12 10.06 -21.94
CA HIS A 133 -2.54 10.64 -20.69
C HIS A 133 -1.28 10.85 -19.83
N PRO A 134 -0.85 12.12 -19.81
CA PRO A 134 0.33 12.40 -19.03
C PRO A 134 0.10 12.23 -17.51
N PRO A 135 1.18 11.99 -16.77
CA PRO A 135 1.05 11.88 -15.30
C PRO A 135 0.94 13.22 -14.60
N THR A 136 1.41 14.28 -15.23
CA THR A 136 1.44 15.61 -14.64
C THR A 136 1.06 16.72 -15.62
N ILE A 137 0.55 17.83 -15.09
CA ILE A 137 0.19 18.99 -15.92
C ILE A 137 1.43 19.57 -16.59
N GLN A 138 2.58 19.42 -15.95
CA GLN A 138 3.83 19.90 -16.52
C GLN A 138 4.19 19.17 -17.80
N GLU A 139 3.96 17.86 -17.81
CA GLU A 139 4.23 17.09 -19.01
C GLU A 139 3.18 17.38 -20.09
N GLN A 140 1.93 17.59 -19.69
CA GLN A 140 0.89 17.93 -20.64
C GLN A 140 1.26 19.19 -21.40
N THR A 141 1.64 20.22 -20.68
CA THR A 141 1.99 21.49 -21.29
C THR A 141 3.28 21.40 -22.08
N SER A 142 4.25 20.71 -21.53
CA SER A 142 5.53 20.57 -22.22
C SER A 142 5.38 19.93 -23.59
N LEU A 143 4.42 19.04 -23.74
CA LEU A 143 4.26 18.35 -25.00
C LEU A 143 3.21 18.93 -25.89
N TYR A 144 2.13 19.38 -25.31
CA TYR A 144 0.99 19.82 -26.08
C TYR A 144 0.59 21.28 -25.87
N VAL A 145 1.32 22.00 -25.03
CA VAL A 145 1.04 23.42 -24.72
C VAL A 145 -0.25 23.64 -23.92
N LYS A 146 -1.36 23.21 -24.45
CA LYS A 146 -2.62 23.32 -23.76
C LYS A 146 -2.82 22.35 -22.61
N GLU A 147 -3.44 22.84 -21.55
CA GLU A 147 -3.73 21.99 -20.42
C GLU A 147 -4.94 21.09 -20.65
N ASN A 148 -5.91 21.58 -21.40
CA ASN A 148 -7.11 20.83 -21.66
C ASN A 148 -7.26 20.54 -23.14
N ALA A 149 -7.03 19.31 -23.53
CA ALA A 149 -7.06 18.92 -24.93
C ALA A 149 -8.19 17.93 -25.19
N TYR A 150 -8.40 17.62 -26.47
CA TYR A 150 -9.40 16.67 -26.89
C TYR A 150 -8.87 15.90 -28.09
N VAL A 151 -9.41 14.70 -28.28
CA VAL A 151 -9.18 13.91 -29.48
C VAL A 151 -10.53 13.41 -29.98
N SER A 152 -10.78 13.55 -31.28
CA SER A 152 -12.04 13.15 -31.88
C SER A 152 -11.77 12.24 -33.07
N VAL A 153 -12.45 11.10 -33.10
CA VAL A 153 -12.35 10.12 -34.18
C VAL A 153 -13.76 9.75 -34.61
N VAL A 154 -14.10 10.06 -35.86
CA VAL A 154 -15.48 9.89 -36.33
C VAL A 154 -15.46 9.24 -37.72
N SER A 155 -16.27 8.20 -37.88
CA SER A 155 -16.57 7.62 -39.19
C SER A 155 -18.08 7.49 -39.33
N SER A 156 -18.54 6.86 -40.41
CA SER A 156 -19.99 6.66 -40.56
C SER A 156 -20.53 5.64 -39.58
N HIS A 157 -19.68 4.79 -39.00
CA HIS A 157 -20.09 3.80 -38.01
C HIS A 157 -19.28 3.92 -36.73
N TYR A 158 -18.56 5.02 -36.55
CA TYR A 158 -17.75 5.22 -35.36
C TYR A 158 -17.69 6.71 -35.06
N SER A 159 -17.79 7.05 -33.77
CA SER A 159 -17.72 8.45 -33.34
C SER A 159 -17.42 8.44 -31.85
N ARG A 160 -16.26 8.96 -31.46
CA ARG A 160 -15.88 9.01 -30.06
C ARG A 160 -14.98 10.20 -29.79
N LYS A 161 -15.18 10.81 -28.63
CA LYS A 161 -14.34 11.90 -28.15
C LYS A 161 -13.55 11.42 -26.94
N PHE A 162 -12.25 11.71 -26.93
CA PHE A 162 -11.37 11.27 -25.87
C PHE A 162 -10.82 12.49 -25.14
N THR A 163 -10.92 12.47 -23.81
CA THR A 163 -10.40 13.56 -22.99
C THR A 163 -9.25 13.04 -22.14
N PRO A 164 -8.06 13.62 -22.30
CA PRO A 164 -6.95 13.22 -21.43
C PRO A 164 -7.27 13.39 -19.96
N GLU A 165 -6.87 12.43 -19.15
CA GLU A 165 -7.07 12.53 -17.73
C GLU A 165 -5.71 12.48 -17.07
N ILE A 166 -5.26 13.61 -16.58
CA ILE A 166 -3.93 13.71 -16.04
C ILE A 166 -3.80 13.25 -14.61
N ALA A 167 -2.98 12.23 -14.42
CA ALA A 167 -2.82 11.65 -13.13
C ALA A 167 -1.72 10.60 -13.10
N LYS A 168 -1.22 10.34 -11.92
CA LYS A 168 -0.16 9.34 -11.77
C LYS A 168 -0.81 7.97 -11.58
N ARG A 169 -0.58 7.09 -12.52
CA ARG A 169 -1.01 5.73 -12.37
C ARG A 169 0.13 5.01 -11.68
N PRO A 170 -0.14 3.81 -11.16
CA PRO A 170 0.96 3.02 -10.61
C PRO A 170 2.00 2.80 -11.70
N LYS A 171 3.28 2.80 -11.34
CA LYS A 171 4.34 2.65 -12.31
C LYS A 171 4.32 1.33 -13.06
N VAL A 172 4.36 1.41 -14.37
CA VAL A 172 4.44 0.23 -15.18
C VAL A 172 5.51 0.52 -16.21
N ARG A 173 6.54 -0.31 -16.24
CA ARG A 173 7.65 -0.09 -17.15
C ARG A 173 8.15 1.34 -16.98
N ASP A 174 8.26 1.79 -15.73
CA ASP A 174 8.77 3.11 -15.39
C ASP A 174 7.93 4.27 -15.90
N GLN A 175 6.68 3.99 -16.20
CA GLN A 175 5.80 5.00 -16.73
C GLN A 175 4.56 5.15 -15.84
N GLU A 176 4.27 6.37 -15.42
CA GLU A 176 3.09 6.65 -14.61
C GLU A 176 1.98 7.20 -15.46
N GLY A 177 2.33 7.60 -16.67
CA GLY A 177 1.36 8.04 -17.61
C GLY A 177 0.90 6.85 -18.40
N ARG A 178 0.00 7.07 -19.34
CA ARG A 178 -0.47 5.99 -20.17
C ARG A 178 -0.89 6.37 -21.58
N ILE A 179 -0.90 5.41 -22.48
CA ILE A 179 -1.44 5.63 -23.79
C ILE A 179 -2.56 4.60 -23.99
N ASN A 180 -3.79 5.07 -24.07
CA ASN A 180 -4.90 4.17 -24.33
C ASN A 180 -5.05 3.91 -25.82
N TYR A 181 -5.19 2.65 -26.17
CA TYR A 181 -5.26 2.27 -27.58
C TYR A 181 -6.68 1.93 -28.08
N TYR A 182 -7.00 2.41 -29.25
CA TYR A 182 -8.30 2.19 -29.81
C TYR A 182 -8.23 1.76 -31.28
N TRP A 183 -9.32 1.20 -31.78
CA TRP A 183 -9.36 0.71 -33.15
C TRP A 183 -10.75 0.61 -33.72
N THR A 184 -10.85 0.61 -35.05
CA THR A 184 -12.13 0.44 -35.72
C THR A 184 -11.85 -0.10 -37.11
N LEU A 185 -12.85 -0.81 -37.67
CA LEU A 185 -12.75 -1.38 -39.01
C LEU A 185 -13.49 -0.45 -39.97
N LEU A 186 -12.75 0.15 -40.90
CA LEU A 186 -13.30 1.10 -41.85
C LEU A 186 -13.75 0.35 -43.09
N GLU A 187 -15.07 0.23 -43.27
CA GLU A 187 -15.61 -0.49 -44.41
C GLU A 187 -15.35 0.29 -45.70
N PRO A 188 -15.36 -0.40 -46.85
CA PRO A 188 -15.08 0.28 -48.11
C PRO A 188 -16.12 1.36 -48.41
N GLY A 189 -15.62 2.51 -48.86
CA GLY A 189 -16.47 3.66 -49.13
C GLY A 189 -16.66 4.60 -47.97
N ASP A 190 -16.20 4.23 -46.77
CA ASP A 190 -16.36 5.06 -45.59
C ASP A 190 -15.13 5.96 -45.40
N THR A 191 -15.32 6.99 -44.59
CA THR A 191 -14.27 7.97 -44.30
C THR A 191 -14.14 8.12 -42.80
N ILE A 192 -12.89 8.16 -42.35
CA ILE A 192 -12.60 8.35 -40.94
C ILE A 192 -11.99 9.71 -40.77
N ILE A 193 -12.32 10.38 -39.68
CA ILE A 193 -11.87 11.74 -39.45
C ILE A 193 -11.20 11.81 -38.09
N PHE A 194 -9.96 12.29 -38.07
CA PHE A 194 -9.18 12.47 -36.84
C PHE A 194 -9.07 13.96 -36.55
N GLU A 195 -9.57 14.38 -35.39
CA GLU A 195 -9.50 15.78 -34.96
C GLU A 195 -8.97 15.84 -33.54
N ALA A 196 -8.02 16.72 -33.30
CA ALA A 196 -7.41 16.85 -31.99
C ALA A 196 -6.63 18.16 -31.89
N ASN A 197 -6.47 18.63 -30.66
CA ASN A 197 -5.55 19.73 -30.36
C ASN A 197 -4.46 19.28 -29.39
N GLY A 198 -4.29 17.98 -29.22
CA GLY A 198 -3.24 17.45 -28.36
C GLY A 198 -3.49 16.00 -28.03
N ASN A 199 -2.45 15.35 -27.50
CA ASN A 199 -2.58 13.98 -26.98
C ASN A 199 -2.93 12.82 -27.95
N LEU A 200 -2.84 13.06 -29.23
CA LEU A 200 -3.16 12.04 -30.20
C LEU A 200 -1.96 11.21 -30.62
N ILE A 201 -2.09 9.91 -30.50
CA ILE A 201 -1.06 9.02 -30.99
C ILE A 201 -1.65 8.63 -32.32
N ALA A 202 -1.20 9.29 -33.36
CA ALA A 202 -1.79 9.10 -34.67
C ALA A 202 -1.47 7.85 -35.39
N PRO A 203 -2.41 7.44 -36.23
CA PRO A 203 -2.13 6.29 -37.06
C PRO A 203 -1.06 6.59 -38.10
N ARG A 204 -0.13 5.68 -38.33
CA ARG A 204 0.84 5.79 -39.41
C ARG A 204 0.70 4.66 -40.42
N TYR A 205 0.55 3.43 -39.95
CA TYR A 205 0.28 2.28 -40.79
C TYR A 205 -1.06 1.68 -40.42
N ALA A 206 -1.90 1.47 -41.43
CA ALA A 206 -3.16 0.76 -41.29
C ALA A 206 -3.09 -0.55 -42.06
N PHE A 207 -4.13 -1.37 -41.93
CA PHE A 207 -4.14 -2.71 -42.51
C PHE A 207 -5.43 -2.94 -43.26
N ALA A 208 -5.33 -3.11 -44.58
CA ALA A 208 -6.46 -3.53 -45.40
C ALA A 208 -6.54 -5.05 -45.39
N LEU A 209 -7.69 -5.58 -45.01
CA LEU A 209 -7.79 -7.02 -44.78
C LEU A 209 -9.18 -7.53 -45.13
N SER A 210 -9.25 -8.84 -45.35
CA SER A 210 -10.51 -9.56 -45.53
C SER A 210 -10.59 -10.60 -44.42
N ARG A 211 -11.54 -10.44 -43.52
CA ARG A 211 -11.69 -11.36 -42.39
C ARG A 211 -12.34 -12.66 -42.85
N GLY A 212 -11.80 -13.77 -42.37
CA GLY A 212 -12.30 -15.08 -42.75
C GLY A 212 -11.88 -15.52 -44.14
N GLN B 1 2.56 14.47 -1.70
CA GLN B 1 1.57 14.83 -2.69
C GLN B 1 0.12 14.55 -2.21
N VAL B 2 -0.36 13.30 -2.19
CA VAL B 2 -1.69 13.04 -1.67
C VAL B 2 -1.64 12.55 -0.24
N GLN B 3 -2.52 13.06 0.58
CA GLN B 3 -2.59 12.59 1.93
C GLN B 3 -4.00 12.18 2.30
N LEU B 4 -4.11 11.05 2.96
CA LEU B 4 -5.38 10.56 3.40
C LEU B 4 -5.36 10.32 4.88
N GLU B 5 -6.39 10.79 5.56
CA GLU B 5 -6.47 10.62 6.99
C GLU B 5 -7.86 10.19 7.45
N GLU B 6 -7.90 9.04 8.08
CA GLU B 6 -9.14 8.55 8.62
C GLU B 6 -9.57 9.29 9.89
N SER B 7 -10.87 9.31 10.12
CA SER B 7 -11.45 9.93 11.29
C SER B 7 -11.00 9.21 12.53
N GLY B 8 -11.13 9.85 13.67
CA GLY B 8 -10.65 9.31 14.91
C GLY B 8 -11.14 7.97 15.43
N PRO B 9 -10.26 7.28 16.14
CA PRO B 9 -10.64 5.96 16.62
C PRO B 9 -11.63 6.00 17.77
N GLY B 10 -12.36 4.91 17.95
CA GLY B 10 -13.34 4.87 18.99
C GLY B 10 -14.39 3.79 19.02
N LEU B 11 -15.43 4.04 19.76
CA LEU B 11 -16.45 3.03 19.95
C LEU B 11 -17.72 3.12 19.13
N VAL B 12 -18.35 1.98 18.90
CA VAL B 12 -19.63 1.92 18.25
C VAL B 12 -20.42 0.88 19.06
N LYS B 13 -21.63 1.21 19.45
CA LYS B 13 -22.46 0.26 20.18
C LYS B 13 -22.95 -0.85 19.24
N PRO B 14 -23.10 -2.07 19.74
CA PRO B 14 -23.58 -3.17 18.87
C PRO B 14 -24.97 -2.85 18.32
N SER B 15 -25.20 -3.33 17.10
CA SER B 15 -26.41 -3.13 16.29
C SER B 15 -26.55 -1.71 15.79
N GLU B 16 -25.65 -0.80 16.13
CA GLU B 16 -25.70 0.57 15.62
C GLU B 16 -24.85 0.70 14.37
N THR B 17 -24.74 1.91 13.88
CA THR B 17 -24.05 2.15 12.63
C THR B 17 -22.71 2.81 12.79
N LEU B 18 -21.70 2.21 12.22
CA LEU B 18 -20.38 2.79 12.23
C LEU B 18 -20.26 3.85 11.16
N SER B 19 -19.73 5.00 11.52
CA SER B 19 -19.48 6.08 10.55
C SER B 19 -18.01 6.52 10.57
N LEU B 20 -17.37 6.45 9.44
CA LEU B 20 -15.99 6.89 9.31
C LEU B 20 -15.84 7.85 8.15
N THR B 21 -14.95 8.80 8.30
CA THR B 21 -14.66 9.74 7.24
C THR B 21 -13.17 9.76 6.91
N CYS B 22 -12.84 9.95 5.65
CA CYS B 22 -11.47 10.07 5.22
C CYS B 22 -11.24 11.46 4.64
N SER B 23 -10.29 12.18 5.21
CA SER B 23 -9.97 13.51 4.74
C SER B 23 -8.89 13.42 3.69
N VAL B 24 -9.17 13.99 2.54
CA VAL B 24 -8.25 13.92 1.44
C VAL B 24 -7.59 15.26 1.10
N SER B 25 -6.29 15.26 0.94
CA SER B 25 -5.57 16.45 0.57
C SER B 25 -4.65 16.22 -0.63
N GLY B 26 -4.60 17.16 -1.55
CA GLY B 26 -3.73 17.06 -2.71
C GLY B 26 -4.40 16.87 -4.04
N VAL B 27 -5.58 16.26 -4.03
CA VAL B 27 -6.34 16.02 -5.22
C VAL B 27 -7.83 16.20 -4.89
N SER B 28 -8.64 16.37 -5.92
CA SER B 28 -10.09 16.48 -5.72
C SER B 28 -10.73 15.13 -5.73
N VAL B 29 -11.69 14.95 -4.85
CA VAL B 29 -12.45 13.73 -4.81
C VAL B 29 -13.49 13.68 -5.93
N THR B 30 -13.64 14.76 -6.67
CA THR B 30 -14.57 14.80 -7.80
C THR B 30 -13.90 14.28 -9.06
N SER B 31 -12.59 14.08 -9.01
CA SER B 31 -11.85 13.64 -10.18
C SER B 31 -12.33 12.33 -10.73
N ASP B 32 -12.49 12.28 -12.04
CA ASP B 32 -12.99 11.07 -12.67
CA ASP B 32 -12.99 11.07 -12.69
C ASP B 32 -12.08 9.82 -12.71
N ILE B 33 -10.78 10.05 -12.62
CA ILE B 33 -9.80 8.98 -12.73
C ILE B 33 -9.54 8.25 -11.41
N TYR B 34 -9.77 8.94 -10.31
CA TYR B 34 -9.50 8.37 -9.03
C TYR B 34 -10.68 7.66 -8.37
N TYR B 35 -10.43 6.53 -7.77
CA TYR B 35 -11.44 5.86 -7.00
C TYR B 35 -11.05 5.93 -5.52
N TRP B 36 -12.05 5.88 -4.65
CA TRP B 36 -11.85 5.99 -3.23
C TRP B 36 -12.28 4.70 -2.57
N THR B 37 -11.45 4.15 -1.69
CA THR B 37 -11.69 2.83 -1.15
C THR B 37 -11.54 2.65 0.38
N TRP B 38 -12.18 1.65 0.92
CA TRP B 38 -12.04 1.33 2.33
C TRP B 38 -11.62 -0.13 2.49
N ILE B 39 -10.72 -0.41 3.40
CA ILE B 39 -10.29 -1.75 3.69
C ILE B 39 -10.21 -1.90 5.22
N ARG B 40 -10.36 -3.11 5.72
CA ARG B 40 -10.26 -3.35 7.15
C ARG B 40 -9.44 -4.55 7.57
N GLN B 41 -8.91 -4.50 8.78
CA GLN B 41 -8.16 -5.60 9.33
C GLN B 41 -8.60 -5.86 10.76
N PRO B 42 -9.31 -6.96 10.95
CA PRO B 42 -9.67 -7.33 12.32
C PRO B 42 -8.42 -7.75 13.08
N PRO B 43 -8.46 -7.60 14.39
CA PRO B 43 -7.30 -7.96 15.20
C PRO B 43 -6.86 -9.41 15.00
N GLY B 44 -5.59 -9.58 14.69
CA GLY B 44 -5.05 -10.91 14.46
C GLY B 44 -5.45 -11.57 13.18
N LYS B 45 -6.02 -10.81 12.27
CA LYS B 45 -6.43 -11.34 10.99
C LYS B 45 -5.83 -10.53 9.85
N GLY B 46 -6.16 -10.91 8.64
CA GLY B 46 -5.64 -10.21 7.49
C GLY B 46 -6.48 -9.08 6.98
N LEU B 47 -6.30 -8.76 5.72
CA LEU B 47 -7.01 -7.65 5.15
C LEU B 47 -8.29 -8.00 4.41
N GLU B 48 -9.33 -7.23 4.63
CA GLU B 48 -10.60 -7.42 3.95
C GLU B 48 -11.07 -6.17 3.21
N TRP B 49 -11.26 -6.31 1.93
CA TRP B 49 -11.74 -5.22 1.11
C TRP B 49 -13.23 -4.95 1.32
N ILE B 50 -13.58 -3.69 1.52
CA ILE B 50 -14.96 -3.33 1.76
C ILE B 50 -15.63 -2.81 0.50
N GLY B 51 -14.91 -1.95 -0.23
CA GLY B 51 -15.42 -1.41 -1.45
C GLY B 51 -14.84 -0.12 -1.99
N TYR B 52 -15.36 0.33 -3.11
CA TYR B 52 -14.90 1.55 -3.72
C TYR B 52 -16.01 2.45 -4.19
N ILE B 53 -15.69 3.72 -4.39
CA ILE B 53 -16.64 4.67 -4.87
C ILE B 53 -16.01 5.68 -5.82
N PHE B 54 -16.67 5.98 -6.91
CA PHE B 54 -16.23 7.00 -7.85
C PHE B 54 -17.21 8.16 -7.73
N TYR B 55 -16.76 9.37 -7.97
CA TYR B 55 -17.65 10.51 -7.97
C TYR B 55 -18.69 10.38 -9.08
N ASN B 56 -18.35 9.70 -10.16
CA ASN B 56 -19.25 9.51 -11.28
C ASN B 56 -20.44 8.62 -10.95
N GLY B 57 -20.52 8.14 -9.72
CA GLY B 57 -21.61 7.26 -9.31
C GLY B 57 -21.27 5.79 -9.30
N ASP B 58 -20.08 5.44 -9.79
CA ASP B 58 -19.67 4.05 -9.89
C ASP B 58 -19.22 3.54 -8.52
N THR B 59 -19.89 2.49 -8.04
CA THR B 59 -19.58 1.90 -6.76
C THR B 59 -19.63 0.38 -6.78
N ASN B 60 -18.89 -0.26 -5.89
CA ASN B 60 -18.93 -1.70 -5.76
C ASN B 60 -18.53 -2.06 -4.34
N TYR B 61 -19.35 -2.85 -3.66
CA TYR B 61 -19.04 -3.27 -2.33
C TYR B 61 -18.88 -4.78 -2.24
N ASN B 62 -18.11 -5.22 -1.28
CA ASN B 62 -17.90 -6.62 -1.10
C ASN B 62 -19.22 -7.32 -0.76
N PRO B 63 -19.54 -8.35 -1.52
CA PRO B 63 -20.79 -9.08 -1.28
C PRO B 63 -20.89 -9.56 0.15
N SER B 64 -19.78 -9.79 0.81
CA SER B 64 -19.77 -10.17 2.19
C SER B 64 -20.38 -9.11 3.10
N LEU B 65 -20.43 -7.88 2.63
CA LEU B 65 -20.95 -6.79 3.44
C LEU B 65 -21.84 -5.82 2.66
N LYS B 66 -22.20 -6.13 1.42
CA LYS B 66 -22.94 -5.18 0.58
C LYS B 66 -24.17 -4.55 1.20
N SER B 67 -25.03 -5.38 1.77
CA SER B 67 -26.26 -4.89 2.37
C SER B 67 -26.03 -3.90 3.51
N ARG B 68 -24.91 -4.00 4.19
CA ARG B 68 -24.65 -3.15 5.34
C ARG B 68 -23.80 -1.92 5.05
N VAL B 69 -23.24 -1.86 3.87
CA VAL B 69 -22.33 -0.79 3.54
C VAL B 69 -22.87 0.30 2.66
N THR B 70 -22.56 1.52 3.03
CA THR B 70 -22.92 2.65 2.22
C THR B 70 -21.71 3.60 2.20
N MET B 71 -21.29 3.99 1.02
CA MET B 71 -20.20 4.97 0.89
C MET B 71 -20.66 6.26 0.24
N SER B 72 -19.97 7.35 0.53
CA SER B 72 -20.34 8.65 -0.01
C SER B 72 -19.15 9.60 -0.17
N ILE B 73 -19.33 10.64 -0.98
CA ILE B 73 -18.30 11.65 -1.21
C ILE B 73 -18.79 13.03 -0.86
N ASP B 74 -17.96 13.77 -0.15
CA ASP B 74 -18.28 15.11 0.23
C ASP B 74 -17.32 16.07 -0.49
N THR B 75 -17.81 16.70 -1.54
CA THR B 75 -16.99 17.63 -2.33
C THR B 75 -16.65 18.93 -1.61
N SER B 76 -17.53 19.38 -0.74
CA SER B 76 -17.29 20.60 0.03
C SER B 76 -16.09 20.47 0.97
N LYS B 77 -15.93 19.32 1.60
CA LYS B 77 -14.82 19.09 2.51
C LYS B 77 -13.70 18.26 1.91
N ASN B 78 -13.81 17.87 0.65
CA ASN B 78 -12.82 17.02 -0.01
C ASN B 78 -12.63 15.77 0.82
N GLU B 79 -13.72 15.12 1.12
CA GLU B 79 -13.68 13.90 1.91
CA GLU B 79 -13.66 13.89 1.89
C GLU B 79 -14.61 12.77 1.37
N PHE B 80 -14.29 11.58 1.78
CA PHE B 80 -15.20 10.47 1.54
C PHE B 80 -15.51 9.68 2.80
N SER B 81 -16.58 8.95 2.79
CA SER B 81 -17.02 8.24 3.98
CA SER B 81 -17.00 8.24 3.99
C SER B 81 -17.52 6.77 3.89
N LEU B 82 -17.54 6.14 5.04
CA LEU B 82 -18.07 4.78 5.09
C LEU B 82 -19.08 4.65 6.21
N ARG B 83 -20.21 4.04 5.92
CA ARG B 83 -21.19 3.76 6.93
C ARG B 83 -21.48 2.27 6.94
N LEU B 84 -21.45 1.65 8.09
CA LEU B 84 -21.68 0.22 8.23
C LEU B 84 -22.74 -0.01 9.29
N THR B 85 -23.90 -0.51 8.88
CA THR B 85 -25.03 -0.68 9.78
C THR B 85 -24.95 -2.02 10.51
N SER B 86 -25.70 -2.10 11.61
CA SER B 86 -25.85 -3.34 12.38
C SER B 86 -24.53 -3.98 12.75
N VAL B 87 -23.67 -3.22 13.43
CA VAL B 87 -22.32 -3.71 13.69
C VAL B 87 -22.33 -4.75 14.78
N THR B 88 -21.39 -5.67 14.70
CA THR B 88 -21.17 -6.68 15.74
C THR B 88 -19.68 -6.68 16.05
N ALA B 89 -19.28 -7.48 17.02
CA ALA B 89 -17.87 -7.58 17.38
C ALA B 89 -17.01 -7.97 16.21
N ALA B 90 -17.60 -8.65 15.24
CA ALA B 90 -16.90 -9.01 14.04
C ALA B 90 -16.46 -7.78 13.23
N ASP B 91 -17.06 -6.64 13.49
CA ASP B 91 -16.70 -5.41 12.81
C ASP B 91 -15.59 -4.64 13.53
N THR B 92 -15.17 -5.16 14.67
CA THR B 92 -14.05 -4.55 15.37
C THR B 92 -12.79 -4.74 14.51
N ALA B 93 -12.25 -3.62 14.05
CA ALA B 93 -11.09 -3.65 13.19
C ALA B 93 -10.45 -2.32 12.91
N VAL B 94 -9.28 -2.41 12.32
CA VAL B 94 -8.62 -1.22 11.90
C VAL B 94 -9.16 -0.94 10.51
N TYR B 95 -9.67 0.26 10.33
CA TYR B 95 -10.20 0.67 9.06
C TYR B 95 -9.26 1.62 8.28
N PHE B 96 -8.97 1.26 7.05
CA PHE B 96 -8.10 2.04 6.20
C PHE B 96 -8.82 2.66 5.01
N CYS B 97 -8.58 3.94 4.78
CA CYS B 97 -9.10 4.56 3.59
C CYS B 97 -7.97 4.63 2.58
N ALA B 98 -8.31 4.64 1.31
CA ALA B 98 -7.30 4.64 0.30
C ALA B 98 -7.72 5.16 -1.07
N ARG B 99 -6.73 5.55 -1.87
CA ARG B 99 -6.99 5.99 -3.21
C ARG B 99 -6.34 5.11 -4.27
N GLY B 100 -6.98 5.02 -5.40
CA GLY B 100 -6.46 4.31 -6.52
C GLY B 100 -6.68 5.11 -7.80
N THR B 101 -5.96 4.76 -8.83
CA THR B 101 -6.06 5.42 -10.12
C THR B 101 -6.52 4.38 -11.14
N GLU B 102 -7.63 4.69 -11.82
CA GLU B 102 -8.19 3.73 -12.76
C GLU B 102 -7.19 3.39 -13.86
N ASP B 103 -6.99 2.09 -14.08
CA ASP B 103 -5.88 1.59 -14.89
C ASP B 103 -6.29 0.25 -15.48
N LEU B 104 -7.26 0.28 -16.39
CA LEU B 104 -7.98 -0.92 -16.81
C LEU B 104 -7.09 -1.94 -17.51
N GLY B 105 -5.96 -1.52 -18.07
CA GLY B 105 -5.08 -2.50 -18.70
C GLY B 105 -4.37 -3.42 -17.72
N TYR B 106 -4.31 -3.03 -16.44
CA TYR B 106 -3.51 -3.73 -15.45
C TYR B 106 -4.24 -3.96 -14.14
N CYS B 107 -5.52 -3.62 -14.07
CA CYS B 107 -6.28 -3.73 -12.85
C CYS B 107 -7.76 -3.72 -13.22
N SER B 108 -8.55 -4.52 -12.51
CA SER B 108 -9.99 -4.37 -12.62
C SER B 108 -10.38 -2.97 -12.13
N SER B 109 -11.58 -2.54 -12.52
CA SER B 109 -12.04 -1.22 -12.14
C SER B 109 -12.08 -1.08 -10.62
N GLY B 110 -11.43 -0.03 -10.12
CA GLY B 110 -11.48 0.29 -8.70
C GLY B 110 -10.89 -0.75 -7.78
N SER B 111 -9.92 -1.53 -8.24
CA SER B 111 -9.47 -2.71 -7.51
C SER B 111 -8.00 -2.67 -7.09
N CYS B 112 -7.32 -1.53 -7.22
CA CYS B 112 -5.90 -1.43 -6.86
C CYS B 112 -5.63 -0.15 -6.09
N PRO B 113 -6.01 -0.12 -4.80
CA PRO B 113 -5.69 1.04 -3.97
C PRO B 113 -4.18 1.12 -3.75
N ASN B 114 -3.57 2.22 -4.18
CA ASN B 114 -2.12 2.37 -4.13
C ASN B 114 -1.64 3.50 -3.21
N HIS B 115 -2.55 4.22 -2.57
CA HIS B 115 -2.18 5.21 -1.55
C HIS B 115 -3.15 5.06 -0.39
N TRP B 116 -2.66 4.52 0.72
CA TRP B 116 -3.49 4.19 1.88
C TRP B 116 -3.26 5.17 3.02
N GLY B 117 -4.30 5.35 3.83
CA GLY B 117 -4.11 5.98 5.12
C GLY B 117 -3.52 5.00 6.13
N GLN B 118 -3.19 5.52 7.31
CA GLN B 118 -2.58 4.68 8.33
C GLN B 118 -3.59 3.86 9.12
N GLY B 119 -4.86 4.14 8.96
CA GLY B 119 -5.87 3.38 9.63
C GLY B 119 -6.40 3.87 10.94
N THR B 120 -7.67 3.59 11.21
CA THR B 120 -8.29 3.96 12.47
C THR B 120 -8.96 2.73 13.12
N LEU B 121 -8.76 2.57 14.41
CA LEU B 121 -9.30 1.41 15.11
C LEU B 121 -10.71 1.64 15.59
N VAL B 122 -11.60 0.78 15.18
CA VAL B 122 -12.97 0.84 15.65
C VAL B 122 -13.28 -0.36 16.53
N THR B 123 -13.79 -0.09 17.72
CA THR B 123 -14.13 -1.13 18.69
C THR B 123 -15.64 -1.14 18.90
N VAL B 124 -16.25 -2.29 18.67
CA VAL B 124 -17.67 -2.45 18.88
C VAL B 124 -17.92 -2.94 20.30
N SER B 125 -18.44 -2.07 21.15
CA SER B 125 -18.75 -2.40 22.54
C SER B 125 -19.92 -1.63 23.07
N SER B 126 -20.55 -2.18 24.09
CA SER B 126 -21.64 -1.50 24.76
C SER B 126 -21.07 -0.76 25.97
N ALA B 127 -19.75 -0.85 26.16
CA ALA B 127 -19.10 -0.17 27.29
C ALA B 127 -18.75 1.27 27.04
N SER B 128 -18.45 1.98 28.10
CA SER B 128 -18.13 3.39 28.01
C SER B 128 -16.67 3.68 27.84
N THR B 129 -16.37 4.86 27.37
CA THR B 129 -15.00 5.28 27.23
C THR B 129 -14.42 5.67 28.58
N LYS B 130 -13.17 5.33 28.81
CA LYS B 130 -12.47 5.75 30.00
C LYS B 130 -11.11 6.23 29.60
N GLY B 131 -10.79 7.44 30.02
CA GLY B 131 -9.51 7.99 29.73
C GLY B 131 -8.44 7.41 30.63
N PRO B 132 -7.21 7.56 30.22
CA PRO B 132 -6.16 6.94 31.01
C PRO B 132 -5.63 7.74 32.18
N SER B 133 -5.07 7.05 33.16
CA SER B 133 -4.43 7.70 34.28
C SER B 133 -2.93 7.49 34.07
N VAL B 134 -2.16 8.56 33.96
CA VAL B 134 -0.75 8.44 33.66
C VAL B 134 0.15 8.63 34.87
N PHE B 135 1.06 7.70 35.07
CA PHE B 135 1.94 7.74 36.19
C PHE B 135 3.40 7.70 35.76
N PRO B 136 4.28 8.26 36.59
CA PRO B 136 5.68 8.32 36.18
C PRO B 136 6.53 7.10 36.51
N LEU B 137 7.41 6.73 35.60
CA LEU B 137 8.35 5.65 35.82
C LEU B 137 9.67 6.40 35.91
N ALA B 138 9.99 6.86 37.10
CA ALA B 138 11.16 7.70 37.28
C ALA B 138 12.54 7.08 37.27
N PRO B 139 13.48 7.80 36.66
CA PRO B 139 14.85 7.33 36.62
C PRO B 139 15.43 7.31 38.01
N SER B 140 16.12 6.24 38.35
CA SER B 140 16.76 6.12 39.64
C SER B 140 17.96 5.23 39.49
N SER B 141 18.52 4.78 40.60
CA SER B 141 19.69 3.91 40.57
C SER B 141 19.31 2.56 40.02
N LYS B 142 18.08 2.13 40.23
CA LYS B 142 17.61 0.87 39.69
C LYS B 142 17.38 1.00 38.20
N SER B 143 17.76 2.14 37.64
CA SER B 143 17.60 2.39 36.22
C SER B 143 18.81 3.04 35.61
N THR B 144 19.99 2.58 35.85
CA THR B 144 21.15 3.12 35.16
C THR B 144 22.01 1.98 34.69
N SER B 145 22.91 2.22 33.80
CA SER B 145 23.78 1.21 33.32
C SER B 145 25.17 1.78 33.27
N GLY B 146 25.27 3.09 33.13
CA GLY B 146 26.56 3.74 33.02
C GLY B 146 26.65 4.46 31.70
N GLY B 147 26.24 5.70 31.70
CA GLY B 147 26.19 6.40 30.44
C GLY B 147 24.77 6.28 29.91
N THR B 148 23.96 5.42 30.54
CA THR B 148 22.58 5.23 30.10
C THR B 148 21.57 5.09 31.24
N ALA B 149 20.46 5.82 31.14
CA ALA B 149 19.41 5.68 32.13
C ALA B 149 18.04 5.42 31.48
N ALA B 150 17.13 4.82 32.23
CA ALA B 150 15.82 4.53 31.70
C ALA B 150 14.71 5.19 32.49
N LEU B 151 13.78 5.76 31.79
CA LEU B 151 12.65 6.38 32.40
C LEU B 151 11.42 6.11 31.59
N GLY B 152 10.27 6.47 32.10
CA GLY B 152 9.04 6.30 31.38
C GLY B 152 7.72 6.69 31.99
N CYS B 153 6.63 6.36 31.31
CA CYS B 153 5.30 6.64 31.79
C CYS B 153 4.36 5.41 31.78
N LEU B 154 3.64 5.20 32.85
CA LEU B 154 2.70 4.12 32.92
C LEU B 154 1.32 4.64 32.59
N VAL B 155 0.73 4.16 31.50
CA VAL B 155 -0.60 4.60 31.06
C VAL B 155 -1.60 3.53 31.43
N LYS B 156 -2.37 3.76 32.46
CA LYS B 156 -3.24 2.72 32.95
C LYS B 156 -4.72 2.92 32.95
N ASP B 157 -5.45 1.82 32.85
CA ASP B 157 -6.91 1.85 32.95
C ASP B 157 -7.69 2.69 31.93
N TYR B 158 -7.60 2.32 30.67
CA TYR B 158 -8.30 3.05 29.64
C TYR B 158 -9.11 2.13 28.72
N PHE B 159 -10.06 2.69 28.01
CA PHE B 159 -10.90 1.96 27.08
C PHE B 159 -11.61 2.98 26.17
N PRO B 160 -11.76 2.65 24.90
CA PRO B 160 -11.04 1.53 24.31
C PRO B 160 -9.65 1.87 23.82
N GLU B 161 -9.03 0.94 23.10
CA GLU B 161 -7.78 1.24 22.45
C GLU B 161 -8.13 2.18 21.28
N PRO B 162 -7.20 3.01 20.86
CA PRO B 162 -5.79 3.02 21.18
C PRO B 162 -5.27 4.24 21.94
N VAL B 163 -4.01 4.17 22.35
CA VAL B 163 -3.37 5.30 22.97
C VAL B 163 -2.06 5.54 22.26
N THR B 164 -1.79 6.79 21.97
CA THR B 164 -0.52 7.14 21.37
C THR B 164 0.32 7.91 22.38
N VAL B 165 1.61 7.70 22.34
CA VAL B 165 2.50 8.35 23.29
C VAL B 165 3.68 8.98 22.58
N SER B 166 3.99 10.20 22.94
CA SER B 166 5.14 10.90 22.39
C SER B 166 5.98 11.38 23.54
N TRP B 167 7.21 11.76 23.25
CA TRP B 167 8.10 12.28 24.25
C TRP B 167 8.63 13.67 23.87
N ASN B 168 8.58 14.61 24.79
CA ASN B 168 9.01 15.99 24.53
C ASN B 168 8.41 16.49 23.21
N SER B 169 7.12 16.26 23.02
CA SER B 169 6.41 16.73 21.84
C SER B 169 7.08 16.32 20.55
N GLY B 170 7.63 15.12 20.53
CA GLY B 170 8.20 14.62 19.31
C GLY B 170 9.66 14.87 19.06
N ALA B 171 10.28 15.62 19.94
CA ALA B 171 11.70 15.91 19.81
C ALA B 171 12.51 14.72 20.25
N LEU B 172 11.91 13.90 21.11
CA LEU B 172 12.60 12.70 21.58
C LEU B 172 12.08 11.44 20.92
N THR B 173 12.88 10.84 20.07
CA THR B 173 12.46 9.66 19.33
C THR B 173 13.37 8.47 19.56
N SER B 174 14.68 8.70 19.55
CA SER B 174 15.63 7.61 19.71
C SER B 174 15.58 6.94 21.07
N GLY B 175 15.57 5.62 21.08
CA GLY B 175 15.50 4.88 22.34
C GLY B 175 14.15 4.74 22.98
N VAL B 176 13.12 5.25 22.34
CA VAL B 176 11.78 5.14 22.86
C VAL B 176 11.11 3.78 22.54
N HIS B 177 10.51 3.16 23.52
CA HIS B 177 9.77 1.95 23.29
C HIS B 177 8.38 2.15 23.90
N THR B 178 7.37 2.12 23.07
CA THR B 178 6.00 2.21 23.57
C THR B 178 5.38 0.84 23.38
N PHE B 179 5.17 0.12 24.46
CA PHE B 179 4.69 -1.24 24.39
C PHE B 179 3.24 -1.45 23.97
N PRO B 180 2.97 -2.58 23.32
CA PRO B 180 1.59 -2.90 23.02
C PRO B 180 0.80 -3.02 24.30
N ALA B 181 -0.43 -2.60 24.27
CA ALA B 181 -1.25 -2.67 25.43
C ALA B 181 -1.63 -4.06 25.86
N VAL B 182 -1.81 -4.22 27.15
CA VAL B 182 -2.28 -5.48 27.67
C VAL B 182 -3.71 -5.30 28.20
N LEU B 183 -4.54 -6.30 28.00
CA LEU B 183 -5.88 -6.24 28.54
C LEU B 183 -5.86 -6.75 29.96
N GLN B 184 -6.35 -5.95 30.88
CA GLN B 184 -6.40 -6.34 32.26
C GLN B 184 -7.65 -7.13 32.64
N SER B 185 -7.67 -7.69 33.83
CA SER B 185 -8.85 -8.43 34.33
C SER B 185 -10.06 -7.55 34.38
N SER B 186 -9.84 -6.28 34.65
CA SER B 186 -10.95 -5.35 34.74
C SER B 186 -11.56 -5.02 33.37
N GLY B 187 -10.96 -5.50 32.30
CA GLY B 187 -11.44 -5.21 30.97
C GLY B 187 -10.90 -3.94 30.39
N LEU B 188 -10.18 -3.19 31.20
CA LEU B 188 -9.55 -1.97 30.73
C LEU B 188 -8.14 -2.26 30.26
N TYR B 189 -7.59 -1.36 29.48
CA TYR B 189 -6.27 -1.55 28.94
C TYR B 189 -5.18 -0.78 29.66
N SER B 190 -3.97 -1.22 29.53
CA SER B 190 -2.83 -0.52 30.12
CA SER B 190 -2.82 -0.52 30.12
C SER B 190 -1.52 -0.75 29.31
N LEU B 191 -0.70 0.27 29.32
CA LEU B 191 0.57 0.14 28.65
C LEU B 191 1.63 1.02 29.28
N SER B 192 2.86 0.81 28.89
CA SER B 192 3.93 1.68 29.34
C SER B 192 4.79 2.18 28.18
N SER B 193 5.30 3.40 28.30
CA SER B 193 6.24 3.91 27.32
C SER B 193 7.53 4.23 28.05
N VAL B 194 8.63 3.86 27.44
CA VAL B 194 9.90 4.08 28.03
C VAL B 194 10.92 4.67 27.09
N VAL B 195 11.98 5.23 27.63
CA VAL B 195 13.04 5.77 26.84
C VAL B 195 14.37 5.62 27.57
N THR B 196 15.38 5.28 26.81
CA THR B 196 16.72 5.19 27.37
C THR B 196 17.47 6.45 26.99
N VAL B 197 18.05 7.11 27.98
CA VAL B 197 18.76 8.37 27.77
C VAL B 197 20.13 8.42 28.43
N PRO B 198 20.95 9.38 28.00
CA PRO B 198 22.24 9.53 28.67
C PRO B 198 22.03 10.03 30.08
N SER B 199 22.60 9.33 31.04
CA SER B 199 22.50 9.75 32.42
C SER B 199 23.13 11.11 32.66
N SER B 200 24.03 11.53 31.78
CA SER B 200 24.63 12.86 31.87
C SER B 200 23.59 13.91 31.61
N SER B 201 22.52 13.55 30.94
CA SER B 201 21.45 14.49 30.65
C SER B 201 20.40 14.53 31.73
N LEU B 202 20.49 13.65 32.71
CA LEU B 202 19.40 13.58 33.67
C LEU B 202 19.03 14.89 34.32
N GLY B 203 19.96 15.54 35.00
CA GLY B 203 19.64 16.75 35.73
C GLY B 203 19.43 17.99 34.94
N THR B 204 19.72 17.91 33.66
CA THR B 204 19.58 19.06 32.83
C THR B 204 18.44 18.92 31.88
N GLN B 205 18.31 17.78 31.23
CA GLN B 205 17.30 17.63 30.21
C GLN B 205 15.95 17.31 30.80
N THR B 206 14.93 17.97 30.29
CA THR B 206 13.58 17.75 30.75
C THR B 206 12.94 16.61 29.98
N TYR B 207 12.22 15.77 30.68
CA TYR B 207 11.55 14.64 30.04
C TYR B 207 10.06 14.58 30.36
N ILE B 208 9.25 14.66 29.31
CA ILE B 208 7.79 14.61 29.47
C ILE B 208 7.12 13.69 28.44
N CYS B 209 6.13 12.94 28.88
CA CYS B 209 5.38 12.06 27.99
C CYS B 209 4.06 12.67 27.61
N ASN B 210 3.74 12.58 26.34
CA ASN B 210 2.48 13.09 25.86
C ASN B 210 1.57 11.92 25.48
N VAL B 211 0.54 11.70 26.27
CA VAL B 211 -0.36 10.59 26.03
C VAL B 211 -1.68 11.03 25.41
N ASN B 212 -1.95 10.56 24.21
CA ASN B 212 -3.18 10.90 23.53
C ASN B 212 -4.18 9.73 23.45
N HIS B 213 -5.36 9.90 24.03
CA HIS B 213 -6.42 8.90 23.95
C HIS B 213 -7.58 9.55 23.19
N LYS B 214 -7.53 9.45 21.88
CA LYS B 214 -8.53 10.06 21.03
C LYS B 214 -9.97 9.62 21.28
N PRO B 215 -10.19 8.32 21.54
CA PRO B 215 -11.54 7.85 21.83
C PRO B 215 -12.22 8.62 22.97
N SER B 216 -11.47 9.30 23.82
CA SER B 216 -12.03 10.13 24.90
C SER B 216 -11.65 11.60 24.76
N ASN B 217 -11.07 11.96 23.64
CA ASN B 217 -10.59 13.32 23.41
C ASN B 217 -9.70 13.76 24.58
N THR B 218 -8.88 12.84 25.07
CA THR B 218 -8.01 13.13 26.20
C THR B 218 -6.56 13.21 25.82
N LYS B 219 -5.90 14.30 26.18
CA LYS B 219 -4.49 14.44 25.96
C LYS B 219 -3.86 14.76 27.31
N VAL B 220 -2.83 14.04 27.70
CA VAL B 220 -2.21 14.22 29.00
C VAL B 220 -0.69 14.20 28.93
N ASP B 221 -0.07 15.19 29.54
CA ASP B 221 1.37 15.28 29.57
C ASP B 221 1.86 15.01 30.97
N LYS B 222 2.87 14.15 31.13
CA LYS B 222 3.47 13.91 32.44
C LYS B 222 4.96 14.12 32.42
N ARG B 223 5.47 14.94 33.32
CA ARG B 223 6.88 15.15 33.43
C ARG B 223 7.48 14.10 34.33
N VAL B 224 8.55 13.50 33.88
CA VAL B 224 9.21 12.45 34.62
C VAL B 224 10.44 13.01 35.27
N GLU B 225 10.38 13.17 36.58
CA GLU B 225 11.49 13.78 37.28
C GLU B 225 12.33 12.76 37.97
N PRO B 226 13.63 12.94 37.90
CA PRO B 226 14.55 11.98 38.50
C PRO B 226 14.25 11.88 39.97
N LYS B 227 14.29 10.66 40.49
CA LYS B 227 13.94 10.44 41.87
C LYS B 227 13.84 8.97 42.16
N ASP C 1 -13.93 -14.69 -3.29
CA ASP C 1 -14.06 -16.06 -3.69
C ASP C 1 -12.72 -16.55 -4.22
N ILE C 2 -11.91 -15.69 -4.83
CA ILE C 2 -10.56 -16.09 -5.19
C ILE C 2 -9.71 -16.10 -3.93
N VAL C 3 -9.30 -17.29 -3.51
CA VAL C 3 -8.50 -17.45 -2.29
C VAL C 3 -7.03 -17.21 -2.64
N MET C 4 -6.39 -16.33 -1.89
CA MET C 4 -4.97 -16.02 -2.06
C MET C 4 -4.19 -16.71 -0.95
N THR C 5 -3.36 -17.69 -1.32
CA THR C 5 -2.58 -18.46 -0.36
C THR C 5 -1.12 -18.10 -0.48
N GLN C 6 -0.54 -17.61 0.61
CA GLN C 6 0.87 -17.22 0.65
C GLN C 6 1.69 -18.31 1.36
N SER C 7 2.92 -18.50 0.94
CA SER C 7 3.83 -19.42 1.59
C SER C 7 5.25 -18.82 1.58
N PRO C 8 5.91 -18.80 2.75
CA PRO C 8 5.40 -19.28 4.05
C PRO C 8 4.54 -18.22 4.73
N SER C 9 4.00 -18.52 5.92
CA SER C 9 3.28 -17.52 6.67
C SER C 9 4.19 -16.64 7.50
N SER C 10 5.41 -17.10 7.77
CA SER C 10 6.40 -16.30 8.50
C SER C 10 7.77 -16.91 8.24
N LEU C 11 8.78 -16.04 8.17
CA LEU C 11 10.15 -16.50 7.96
C LEU C 11 11.11 -15.58 8.70
N SER C 12 12.28 -16.10 8.98
CA SER C 12 13.33 -15.32 9.61
CA SER C 12 13.34 -15.31 9.60
C SER C 12 14.64 -15.50 8.75
N ALA C 13 15.29 -14.38 8.45
CA ALA C 13 16.49 -14.41 7.63
C ALA C 13 17.46 -13.34 8.10
N SER C 14 18.72 -13.53 7.75
CA SER C 14 19.79 -12.62 8.17
C SER C 14 19.90 -11.44 7.20
N ILE C 15 20.55 -10.38 7.68
CA ILE C 15 20.81 -9.22 6.84
C ILE C 15 21.67 -9.64 5.65
N GLY C 16 21.24 -9.25 4.45
CA GLY C 16 21.93 -9.63 3.24
C GLY C 16 21.41 -10.90 2.59
N ASP C 17 20.58 -11.68 3.28
CA ASP C 17 20.03 -12.89 2.70
C ASP C 17 19.07 -12.56 1.56
N ARG C 18 18.80 -13.56 0.74
CA ARG C 18 17.79 -13.48 -0.31
C ARG C 18 16.51 -14.13 0.20
N VAL C 19 15.40 -13.39 0.14
CA VAL C 19 14.12 -13.83 0.68
C VAL C 19 13.13 -13.93 -0.46
N THR C 20 12.41 -15.06 -0.53
CA THR C 20 11.37 -15.27 -1.53
C THR C 20 10.06 -15.63 -0.84
N ILE C 21 8.98 -15.00 -1.29
CA ILE C 21 7.63 -15.26 -0.78
C ILE C 21 6.77 -15.69 -1.95
N THR C 22 6.04 -16.79 -1.79
CA THR C 22 5.20 -17.34 -2.84
C THR C 22 3.73 -17.00 -2.58
N CYS C 23 2.99 -16.70 -3.64
CA CYS C 23 1.56 -16.45 -3.57
C CYS C 23 0.88 -17.24 -4.68
N ARG C 24 -0.16 -17.99 -4.32
CA ARG C 24 -0.87 -18.83 -5.28
C ARG C 24 -2.37 -18.54 -5.19
N PRO C 25 -2.99 -18.03 -6.25
CA PRO C 25 -4.44 -17.86 -6.24
C PRO C 25 -5.16 -19.17 -6.54
N SER C 26 -6.45 -19.20 -6.18
CA SER C 26 -7.25 -20.39 -6.43
C SER C 26 -7.60 -20.57 -7.91
N GLN C 27 -7.32 -19.57 -8.75
CA GLN C 27 -7.53 -19.68 -10.18
C GLN C 27 -6.57 -18.76 -10.90
N ASN C 28 -6.50 -18.91 -12.22
CA ASN C 28 -5.60 -18.11 -13.03
C ASN C 28 -6.05 -16.64 -13.01
N ILE C 29 -5.12 -15.75 -12.68
CA ILE C 29 -5.40 -14.33 -12.59
C ILE C 29 -4.52 -13.52 -13.54
N ARG C 30 -3.83 -14.22 -14.44
CA ARG C 30 -2.90 -13.60 -15.37
C ARG C 30 -1.80 -12.81 -14.64
N SER C 31 -1.71 -11.51 -14.88
CA SER C 31 -0.73 -10.74 -14.12
C SER C 31 -1.40 -9.74 -13.20
N PHE C 32 -2.69 -9.93 -12.89
CA PHE C 32 -3.44 -9.00 -12.04
C PHE C 32 -3.16 -9.29 -10.56
N LEU C 33 -1.91 -9.13 -10.19
CA LEU C 33 -1.46 -9.41 -8.83
CA LEU C 33 -1.45 -9.41 -8.83
C LEU C 33 -0.46 -8.30 -8.32
N ASN C 34 -0.72 -7.85 -7.11
CA ASN C 34 0.08 -6.80 -6.52
C ASN C 34 0.63 -7.27 -5.18
N TRP C 35 1.75 -6.68 -4.77
CA TRP C 35 2.38 -7.00 -3.49
C TRP C 35 2.41 -5.75 -2.61
N PHE C 36 1.95 -5.89 -1.37
CA PHE C 36 1.95 -4.82 -0.39
C PHE C 36 2.91 -5.13 0.74
N GLN C 37 3.46 -4.07 1.33
CA GLN C 37 4.30 -4.17 2.52
C GLN C 37 3.62 -3.38 3.64
N HIS C 38 3.54 -3.98 4.82
CA HIS C 38 2.83 -3.37 5.96
C HIS C 38 3.72 -3.45 7.20
N LYS C 39 4.21 -2.30 7.65
CA LYS C 39 4.99 -2.14 8.87
C LYS C 39 4.09 -1.71 10.02
N PRO C 40 4.42 -2.09 11.24
CA PRO C 40 3.54 -1.77 12.39
C PRO C 40 3.30 -0.27 12.52
N GLY C 41 2.02 0.10 12.61
CA GLY C 41 1.62 1.48 12.77
C GLY C 41 1.70 2.33 11.52
N LYS C 42 2.16 1.78 10.40
CA LYS C 42 2.32 2.53 9.17
C LYS C 42 1.27 2.11 8.14
N ALA C 43 1.09 2.96 7.15
CA ALA C 43 0.16 2.66 6.08
C ALA C 43 0.72 1.57 5.17
N PRO C 44 -0.08 0.59 4.79
CA PRO C 44 0.39 -0.41 3.81
C PRO C 44 0.84 0.27 2.53
N LYS C 45 1.93 -0.24 1.97
CA LYS C 45 2.59 0.38 0.82
C LYS C 45 2.61 -0.60 -0.34
N LEU C 46 2.24 -0.11 -1.53
CA LEU C 46 2.30 -0.92 -2.74
C LEU C 46 3.74 -0.98 -3.23
N LEU C 47 4.33 -2.17 -3.20
CA LEU C 47 5.71 -2.37 -3.66
C LEU C 47 5.76 -2.79 -5.12
N ILE C 48 5.01 -3.82 -5.49
CA ILE C 48 5.02 -4.38 -6.83
C ILE C 48 3.60 -4.33 -7.39
N TYR C 49 3.47 -3.82 -8.61
CA TYR C 49 2.18 -3.64 -9.27
C TYR C 49 2.14 -4.53 -10.50
N ALA C 50 1.03 -5.24 -10.69
CA ALA C 50 0.82 -6.12 -11.83
C ALA C 50 1.98 -7.09 -11.99
N ALA C 51 2.24 -7.85 -10.91
CA ALA C 51 3.17 -8.97 -10.87
C ALA C 51 4.64 -8.59 -10.86
N SER C 52 5.05 -7.53 -11.58
CA SER C 52 6.48 -7.31 -11.76
C SER C 52 6.93 -5.85 -11.77
N ASN C 53 6.05 -4.88 -11.63
CA ASN C 53 6.40 -3.47 -11.82
C ASN C 53 6.72 -2.82 -10.48
N LEU C 54 7.99 -2.45 -10.30
CA LEU C 54 8.44 -1.78 -9.09
C LEU C 54 7.90 -0.36 -9.04
N GLN C 55 7.43 0.04 -7.86
CA GLN C 55 6.82 1.35 -7.69
C GLN C 55 7.85 2.40 -7.30
N SER C 56 7.48 3.66 -7.50
CA SER C 56 8.40 4.77 -7.29
C SER C 56 8.86 4.83 -5.83
N GLY C 57 10.17 4.96 -5.63
CA GLY C 57 10.74 5.06 -4.32
C GLY C 57 11.06 3.74 -3.65
N VAL C 58 10.62 2.63 -4.22
CA VAL C 58 10.87 1.31 -3.61
C VAL C 58 12.26 0.85 -4.02
N PRO C 59 13.11 0.42 -3.07
CA PRO C 59 14.46 0.00 -3.43
C PRO C 59 14.46 -1.15 -4.42
N SER C 60 15.47 -1.14 -5.29
CA SER C 60 15.56 -2.13 -6.37
C SER C 60 15.83 -3.55 -5.87
N ARG C 61 16.09 -3.73 -4.58
CA ARG C 61 16.25 -5.09 -4.06
C ARG C 61 14.92 -5.83 -4.00
N PHE C 62 13.80 -5.15 -4.15
CA PHE C 62 12.49 -5.79 -4.26
C PHE C 62 12.17 -6.04 -5.72
N SER C 63 11.67 -7.24 -6.02
CA SER C 63 11.27 -7.58 -7.37
C SER C 63 10.13 -8.58 -7.31
N GLY C 64 9.27 -8.53 -8.33
CA GLY C 64 8.15 -9.44 -8.43
C GLY C 64 8.21 -10.23 -9.72
N SER C 65 7.75 -11.46 -9.65
CA SER C 65 7.71 -12.31 -10.82
C SER C 65 6.54 -13.27 -10.76
N GLY C 66 6.25 -13.87 -11.90
CA GLY C 66 5.21 -14.87 -12.00
C GLY C 66 4.03 -14.38 -12.83
N SER C 67 3.12 -15.32 -13.08
CA SER C 67 1.89 -15.08 -13.82
C SER C 67 1.00 -16.32 -13.68
N GLY C 68 -0.28 -16.13 -13.92
CA GLY C 68 -1.23 -17.23 -13.86
C GLY C 68 -1.60 -17.63 -12.45
N THR C 69 -0.97 -18.69 -11.93
CA THR C 69 -1.30 -19.22 -10.61
C THR C 69 -0.09 -19.32 -9.70
N GLU C 70 1.04 -18.71 -10.05
CA GLU C 70 2.23 -18.74 -9.20
C GLU C 70 2.93 -17.39 -9.31
N PHE C 71 3.15 -16.76 -8.15
CA PHE C 71 3.77 -15.44 -8.09
C PHE C 71 4.81 -15.43 -6.97
N THR C 72 5.87 -14.66 -7.16
CA THR C 72 6.98 -14.61 -6.23
C THR C 72 7.40 -13.17 -5.98
N LEU C 73 7.51 -12.80 -4.71
CA LEU C 73 8.17 -11.57 -4.30
C LEU C 73 9.55 -11.91 -3.77
N THR C 74 10.57 -11.21 -4.27
CA THR C 74 11.95 -11.46 -3.89
C THR C 74 12.56 -10.22 -3.26
N ILE C 75 13.20 -10.40 -2.11
CA ILE C 75 14.03 -9.37 -1.50
C ILE C 75 15.46 -9.91 -1.52
N ARG C 76 16.30 -9.36 -2.39
CA ARG C 76 17.59 -9.97 -2.69
C ARG C 76 18.61 -9.82 -1.56
N SER C 77 18.54 -8.72 -0.80
CA SER C 77 19.55 -8.42 0.23
C SER C 77 18.80 -7.81 1.41
N LEU C 78 18.25 -8.68 2.26
CA LEU C 78 17.35 -8.27 3.33
C LEU C 78 18.01 -7.25 4.25
N GLN C 79 17.29 -6.18 4.53
CA GLN C 79 17.72 -5.11 5.41
C GLN C 79 16.88 -5.09 6.68
N PRO C 80 17.39 -4.52 7.78
CA PRO C 80 16.59 -4.48 9.01
C PRO C 80 15.25 -3.77 8.84
N GLU C 81 15.21 -2.69 8.08
CA GLU C 81 13.95 -1.97 7.86
C GLU C 81 12.93 -2.76 7.06
N ASP C 82 13.31 -3.91 6.49
CA ASP C 82 12.38 -4.74 5.74
C ASP C 82 11.50 -5.59 6.64
N PHE C 83 11.66 -5.51 7.96
CA PHE C 83 10.72 -6.16 8.86
C PHE C 83 9.32 -5.63 8.63
N ALA C 84 8.40 -6.52 8.28
CA ALA C 84 7.04 -6.16 7.94
C ALA C 84 6.25 -7.44 7.66
N THR C 85 4.96 -7.26 7.41
CA THR C 85 4.11 -8.30 6.86
C THR C 85 3.83 -7.97 5.41
N TYR C 86 4.02 -8.94 4.52
CA TYR C 86 3.86 -8.75 3.09
C TYR C 86 2.61 -9.48 2.60
N TYR C 87 1.80 -8.78 1.82
CA TYR C 87 0.54 -9.32 1.31
C TYR C 87 0.56 -9.29 -0.22
N CYS C 88 0.10 -10.38 -0.83
CA CYS C 88 -0.27 -10.34 -2.23
C CYS C 88 -1.76 -10.04 -2.34
N GLN C 89 -2.15 -9.43 -3.46
CA GLN C 89 -3.54 -9.04 -3.66
C GLN C 89 -3.88 -9.19 -5.14
N GLN C 90 -4.99 -9.86 -5.42
CA GLN C 90 -5.43 -10.08 -6.79
C GLN C 90 -6.41 -8.98 -7.19
N SER C 91 -6.31 -8.53 -8.43
CA SER C 91 -7.15 -7.48 -8.98
C SER C 91 -7.93 -7.96 -10.21
N TYR C 92 -8.02 -9.27 -10.38
CA TYR C 92 -8.67 -9.89 -11.53
C TYR C 92 -10.18 -9.95 -11.39
N ASN C 93 -10.64 -10.34 -10.22
CA ASN C 93 -12.06 -10.43 -9.93
C ASN C 93 -12.48 -9.61 -8.74
N THR C 94 -13.73 -9.19 -8.73
CA THR C 94 -14.29 -8.45 -7.61
C THR C 94 -15.00 -9.49 -6.77
N PRO C 95 -14.81 -9.46 -5.47
CA PRO C 95 -14.04 -8.48 -4.74
C PRO C 95 -12.54 -8.72 -4.72
N PRO C 96 -11.79 -7.64 -4.73
CA PRO C 96 -10.35 -7.78 -4.59
C PRO C 96 -10.06 -8.57 -3.30
N THR C 97 -9.10 -9.46 -3.33
CA THR C 97 -8.76 -10.30 -2.18
C THR C 97 -7.26 -10.31 -1.85
N PHE C 98 -6.90 -10.41 -0.58
CA PHE C 98 -5.51 -10.41 -0.15
C PHE C 98 -5.13 -11.79 0.38
N GLY C 99 -3.84 -12.10 0.29
CA GLY C 99 -3.32 -13.27 0.96
C GLY C 99 -3.33 -13.09 2.46
N GLN C 100 -3.09 -14.19 3.17
CA GLN C 100 -3.08 -14.15 4.62
C GLN C 100 -1.89 -13.36 5.18
N GLY C 101 -0.90 -13.08 4.35
CA GLY C 101 0.24 -12.29 4.80
C GLY C 101 1.42 -13.16 5.19
N THR C 102 2.62 -12.60 5.00
CA THR C 102 3.87 -13.27 5.36
C THR C 102 4.68 -12.33 6.25
N LYS C 103 4.91 -12.72 7.49
CA LYS C 103 5.68 -11.94 8.43
C LYS C 103 7.16 -12.24 8.24
N VAL C 104 7.95 -11.22 7.90
CA VAL C 104 9.37 -11.37 7.68
C VAL C 104 10.10 -10.81 8.89
N GLU C 105 10.79 -11.68 9.63
CA GLU C 105 11.59 -11.30 10.78
C GLU C 105 13.07 -11.34 10.42
N ILE C 106 13.86 -10.58 11.16
CA ILE C 106 15.29 -10.43 10.89
C ILE C 106 16.08 -11.30 11.87
N LYS C 107 16.92 -12.17 11.34
CA LYS C 107 17.88 -12.91 12.16
C LYS C 107 19.12 -12.05 12.40
N ARG C 108 19.51 -11.92 13.65
CA ARG C 108 20.69 -11.13 14.01
C ARG C 108 21.43 -11.84 15.14
N THR C 109 22.54 -11.24 15.56
CA THR C 109 23.34 -11.84 16.61
C THR C 109 22.67 -11.69 17.96
N VAL C 110 23.10 -12.53 18.91
CA VAL C 110 22.53 -12.50 20.25
C VAL C 110 22.87 -11.17 20.92
N ALA C 111 21.86 -10.56 21.54
CA ALA C 111 22.04 -9.29 22.24
C ALA C 111 21.46 -9.43 23.64
N ALA C 112 22.27 -9.09 24.64
CA ALA C 112 21.82 -9.19 26.02
C ALA C 112 20.88 -8.03 26.36
N PRO C 113 19.83 -8.28 27.14
CA PRO C 113 18.96 -7.19 27.57
C PRO C 113 19.58 -6.41 28.72
N SER C 114 19.41 -5.09 28.67
CA SER C 114 19.67 -4.25 29.82
C SER C 114 18.39 -4.16 30.65
N VAL C 115 18.51 -4.48 31.91
CA VAL C 115 17.36 -4.58 32.77
C VAL C 115 17.22 -3.43 33.73
N PHE C 116 16.00 -2.96 33.92
CA PHE C 116 15.72 -1.85 34.79
C PHE C 116 14.45 -2.13 35.56
N ILE C 117 14.36 -1.64 36.78
CA ILE C 117 13.16 -1.83 37.58
C ILE C 117 12.62 -0.51 38.07
N PHE C 118 11.31 -0.41 38.11
CA PHE C 118 10.68 0.82 38.51
C PHE C 118 9.65 0.55 39.58
N PRO C 119 9.94 0.98 40.81
CA PRO C 119 8.96 0.84 41.88
C PRO C 119 7.72 1.71 41.62
N PRO C 120 6.63 1.45 42.35
CA PRO C 120 5.42 2.24 42.12
C PRO C 120 5.63 3.70 42.50
N SER C 121 4.97 4.59 41.74
CA SER C 121 5.02 6.01 42.03
C SER C 121 4.11 6.35 43.19
N ASP C 122 4.44 7.42 43.90
CA ASP C 122 3.63 7.85 45.03
C ASP C 122 2.24 8.29 44.60
N GLU C 123 2.13 8.87 43.40
CA GLU C 123 0.81 9.23 42.87
C GLU C 123 -0.06 8.00 42.70
N GLN C 124 0.51 6.92 42.16
CA GLN C 124 -0.25 5.69 41.99
C GLN C 124 -0.61 5.07 43.33
N LEU C 125 0.32 5.12 44.29
CA LEU C 125 0.02 4.60 45.63
C LEU C 125 -1.06 5.43 46.31
N LYS C 126 -1.19 6.70 45.95
CA LYS C 126 -2.26 7.55 46.48
C LYS C 126 -3.64 7.13 46.00
N SER C 127 -3.74 6.08 45.18
CA SER C 127 -5.01 5.60 44.66
C SER C 127 -5.32 4.17 45.09
N GLY C 128 -4.41 3.50 45.80
CA GLY C 128 -4.65 2.17 46.30
C GLY C 128 -4.12 1.04 45.45
N THR C 129 -3.31 1.33 44.44
CA THR C 129 -2.78 0.30 43.55
C THR C 129 -1.29 0.54 43.33
N ALA C 130 -0.50 -0.51 43.41
CA ALA C 130 0.95 -0.44 43.23
C ALA C 130 1.33 -1.28 42.02
N SER C 131 1.92 -0.64 41.02
CA SER C 131 2.41 -1.31 39.82
C SER C 131 3.93 -1.25 39.81
N VAL C 132 4.56 -2.40 39.77
CA VAL C 132 6.00 -2.47 39.71
C VAL C 132 6.36 -2.93 38.32
N VAL C 133 7.23 -2.18 37.65
CA VAL C 133 7.58 -2.50 36.29
C VAL C 133 9.04 -2.88 36.05
N CYS C 134 9.25 -4.02 35.43
CA CYS C 134 10.58 -4.48 35.09
C CYS C 134 10.75 -4.36 33.59
N LEU C 135 11.83 -3.74 33.17
CA LEU C 135 12.07 -3.54 31.76
C LEU C 135 13.27 -4.28 31.16
N LEU C 136 13.07 -4.90 30.02
CA LEU C 136 14.13 -5.58 29.30
C LEU C 136 14.30 -4.79 27.99
N ASN C 137 15.46 -4.21 27.76
CA ASN C 137 15.68 -3.28 26.66
C ASN C 137 16.60 -3.90 25.62
N ASN C 138 16.13 -3.95 24.37
CA ASN C 138 16.95 -4.26 23.20
C ASN C 138 17.70 -5.58 23.32
N PHE C 139 16.99 -6.70 23.16
CA PHE C 139 17.61 -8.01 23.26
C PHE C 139 17.19 -8.88 22.07
N TYR C 140 17.99 -9.93 21.83
CA TYR C 140 17.74 -10.91 20.80
C TYR C 140 18.40 -12.20 21.25
N PRO C 141 17.72 -13.35 21.09
CA PRO C 141 16.42 -13.57 20.46
C PRO C 141 15.24 -13.14 21.33
N ARG C 142 14.03 -13.29 20.78
CA ARG C 142 12.82 -12.81 21.44
C ARG C 142 12.54 -13.56 22.74
N GLU C 143 12.97 -14.82 22.83
CA GLU C 143 12.65 -15.65 23.99
C GLU C 143 13.37 -15.15 25.23
N ALA C 144 12.61 -14.92 26.30
CA ALA C 144 13.16 -14.49 27.56
C ALA C 144 12.25 -14.95 28.69
N LYS C 145 12.84 -15.18 29.86
CA LYS C 145 12.10 -15.59 31.06
C LYS C 145 12.28 -14.52 32.12
N VAL C 146 11.17 -13.98 32.62
CA VAL C 146 11.18 -12.94 33.63
C VAL C 146 10.36 -13.44 34.82
N GLN C 147 11.02 -13.59 35.96
CA GLN C 147 10.38 -14.11 37.17
C GLN C 147 10.40 -13.04 38.25
N TRP C 148 9.24 -12.78 38.84
CA TRP C 148 9.11 -11.83 39.93
C TRP C 148 9.36 -12.52 41.26
N LYS C 149 10.16 -11.89 42.11
CA LYS C 149 10.47 -12.41 43.43
C LYS C 149 10.13 -11.36 44.47
N VAL C 150 9.19 -11.68 45.35
CA VAL C 150 8.74 -10.79 46.41
C VAL C 150 9.13 -11.42 47.73
N ASP C 151 10.09 -10.80 48.43
CA ASP C 151 10.67 -11.35 49.65
C ASP C 151 11.16 -12.77 49.42
N ASN C 152 11.86 -12.97 48.30
CA ASN C 152 12.40 -14.27 47.90
C ASN C 152 11.31 -15.34 47.80
N ALA C 153 10.20 -14.97 47.16
CA ALA C 153 9.11 -15.89 46.91
C ALA C 153 8.66 -15.71 45.46
N LEU C 154 8.73 -16.78 44.67
CA LEU C 154 8.38 -16.72 43.26
C LEU C 154 6.91 -16.38 43.10
N GLN C 155 6.62 -15.32 42.35
CA GLN C 155 5.26 -14.86 42.14
C GLN C 155 4.67 -15.50 40.89
N SER C 156 3.34 -15.53 40.86
CA SER C 156 2.61 -16.01 39.68
C SER C 156 1.20 -15.45 39.73
N GLY C 157 0.59 -15.30 38.55
CA GLY C 157 -0.78 -14.86 38.44
C GLY C 157 -1.03 -13.39 38.71
N ASN C 158 0.00 -12.61 39.00
CA ASN C 158 -0.18 -11.19 39.31
C ASN C 158 0.73 -10.30 38.46
N SER C 159 1.20 -10.84 37.33
CA SER C 159 2.05 -10.10 36.42
C SER C 159 1.56 -10.20 34.99
N GLN C 160 1.86 -9.20 34.20
CA GLN C 160 1.52 -9.22 32.79
C GLN C 160 2.69 -8.71 31.96
N GLU C 161 2.96 -9.35 30.86
CA GLU C 161 4.06 -8.97 29.99
C GLU C 161 3.66 -8.42 28.63
N SER C 162 4.44 -7.50 28.09
CA SER C 162 4.21 -6.99 26.74
C SER C 162 5.52 -6.93 26.00
N VAL C 163 5.47 -7.27 24.73
CA VAL C 163 6.65 -7.28 23.91
C VAL C 163 6.52 -6.41 22.66
N THR C 164 7.53 -5.61 22.40
CA THR C 164 7.56 -4.79 21.22
C THR C 164 7.78 -5.56 19.96
N GLU C 165 7.36 -5.00 18.85
CA GLU C 165 7.65 -5.60 17.58
C GLU C 165 9.14 -5.38 17.29
N GLN C 166 9.71 -6.14 16.39
CA GLN C 166 11.14 -6.07 16.09
C GLN C 166 11.51 -4.65 15.66
N ASP C 167 12.60 -4.14 16.23
CA ASP C 167 13.05 -2.79 15.89
C ASP C 167 13.54 -2.76 14.45
N SER C 168 13.14 -1.70 13.73
CA SER C 168 13.49 -1.59 12.32
C SER C 168 14.94 -1.21 12.08
N LYS C 169 15.70 -0.87 13.11
CA LYS C 169 17.09 -0.50 12.96
C LYS C 169 18.09 -1.53 13.52
N ASP C 170 17.93 -1.94 14.77
CA ASP C 170 18.86 -2.90 15.36
C ASP C 170 18.27 -4.31 15.46
N SER C 171 17.03 -4.51 15.02
CA SER C 171 16.40 -5.83 14.92
C SER C 171 16.25 -6.52 16.27
N THR C 172 16.26 -5.77 17.37
CA THR C 172 16.08 -6.35 18.70
C THR C 172 14.62 -6.26 19.12
N TYR C 173 14.37 -6.75 20.32
CA TYR C 173 13.08 -6.68 20.89
C TYR C 173 13.21 -6.10 22.27
N SER C 174 12.16 -5.51 22.76
CA SER C 174 12.16 -5.03 24.11
C SER C 174 10.92 -5.60 24.85
N LEU C 175 11.01 -5.74 26.16
CA LEU C 175 9.92 -6.32 26.94
C LEU C 175 9.62 -5.67 28.28
N SER C 176 8.36 -5.68 28.66
CA SER C 176 7.94 -5.16 29.97
C SER C 176 7.22 -6.23 30.79
N SER C 177 7.57 -6.38 32.06
CA SER C 177 6.81 -7.24 32.97
C SER C 177 6.29 -6.31 34.05
N THR C 178 5.00 -6.31 34.23
CA THR C 178 4.41 -5.43 35.20
C THR C 178 3.69 -6.20 36.33
N LEU C 179 4.19 -6.06 37.54
CA LEU C 179 3.54 -6.69 38.70
C LEU C 179 2.55 -5.71 39.30
N THR C 180 1.33 -6.12 39.38
CA THR C 180 0.25 -5.27 39.90
C THR C 180 -0.22 -5.82 41.23
N LEU C 181 -0.17 -4.98 42.26
CA LEU C 181 -0.61 -5.35 43.60
C LEU C 181 -1.40 -4.20 44.22
N SER C 182 -2.36 -4.55 45.06
CA SER C 182 -3.02 -3.55 45.87
C SER C 182 -2.03 -2.94 46.85
N LYS C 183 -2.29 -1.69 47.23
CA LYS C 183 -1.37 -1.01 48.15
C LYS C 183 -1.25 -1.73 49.48
N ALA C 184 -2.30 -2.45 49.88
CA ALA C 184 -2.24 -3.23 51.11
C ALA C 184 -1.25 -4.39 50.98
N ASP C 185 -1.44 -5.21 49.95
CA ASP C 185 -0.55 -6.34 49.71
C ASP C 185 0.87 -5.90 49.49
N TYR C 186 1.05 -4.73 48.89
CA TYR C 186 2.38 -4.23 48.58
C TYR C 186 3.13 -3.83 49.81
N GLU C 187 2.40 -3.35 50.79
CA GLU C 187 3.05 -2.90 52.00
C GLU C 187 3.32 -4.03 52.97
N LYS C 188 2.81 -5.17 52.78
CA LYS C 188 3.14 -6.30 53.64
C LYS C 188 4.45 -6.99 53.23
N HIS C 189 5.15 -6.46 52.22
CA HIS C 189 6.42 -7.05 51.81
C HIS C 189 7.47 -6.01 51.62
N LYS C 190 8.73 -6.43 51.64
CA LYS C 190 9.82 -5.49 51.55
C LYS C 190 10.64 -5.59 50.28
N VAL C 191 11.06 -6.78 49.94
CA VAL C 191 11.96 -6.95 48.81
C VAL C 191 11.26 -7.34 47.52
N TYR C 192 11.43 -6.50 46.51
CA TYR C 192 10.80 -6.72 45.22
C TYR C 192 11.88 -6.85 44.17
N ALA C 193 11.96 -8.01 43.52
CA ALA C 193 13.06 -8.34 42.64
C ALA C 193 12.52 -8.87 41.31
N CYS C 194 13.21 -8.49 40.23
CA CYS C 194 12.92 -8.99 38.89
C CYS C 194 14.12 -9.78 38.39
N GLU C 195 13.93 -11.07 38.15
CA GLU C 195 15.00 -11.96 37.71
C GLU C 195 14.83 -12.27 36.22
N VAL C 196 15.88 -12.02 35.45
CA VAL C 196 15.83 -12.11 33.99
C VAL C 196 16.79 -13.18 33.54
N THR C 197 16.28 -14.15 32.77
CA THR C 197 17.08 -15.19 32.15
C THR C 197 17.01 -15.03 30.64
N HIS C 198 18.15 -15.04 29.98
CA HIS C 198 18.21 -14.83 28.54
C HIS C 198 19.50 -15.44 28.01
N GLN C 199 19.46 -15.89 26.76
CA GLN C 199 20.63 -16.52 26.14
C GLN C 199 21.83 -15.60 26.15
N GLY C 200 21.63 -14.29 26.05
CA GLY C 200 22.71 -13.34 26.06
C GLY C 200 23.36 -13.09 27.41
N LEU C 201 22.77 -13.59 28.48
CA LEU C 201 23.31 -13.44 29.83
C LEU C 201 23.91 -14.76 30.28
N SER C 202 25.14 -14.72 30.78
CA SER C 202 25.80 -15.94 31.24
C SER C 202 25.12 -16.51 32.48
N SER C 203 24.63 -15.64 33.35
CA SER C 203 23.89 -16.02 34.54
C SER C 203 22.69 -15.09 34.67
N PRO C 204 21.62 -15.54 35.36
CA PRO C 204 20.46 -14.67 35.52
C PRO C 204 20.82 -13.34 36.17
N VAL C 205 20.23 -12.26 35.65
CA VAL C 205 20.45 -10.92 36.15
C VAL C 205 19.23 -10.51 36.96
N THR C 206 19.46 -10.00 38.17
CA THR C 206 18.38 -9.60 39.07
C THR C 206 18.49 -8.11 39.36
N LYS C 207 17.39 -7.39 39.16
CA LYS C 207 17.25 -6.01 39.58
C LYS C 207 16.20 -5.94 40.66
N SER C 208 16.54 -5.34 41.79
CA SER C 208 15.65 -5.31 42.92
C SER C 208 15.66 -4.02 43.68
N PHE C 209 14.64 -3.79 44.45
CA PHE C 209 14.60 -2.63 45.30
C PHE C 209 13.95 -2.96 46.63
N ASN C 210 14.14 -2.10 47.61
CA ASN C 210 13.54 -2.30 48.91
C ASN C 210 12.50 -1.24 49.11
N ARG C 211 11.29 -1.64 49.42
CA ARG C 211 10.23 -0.66 49.51
C ARG C 211 10.54 0.44 50.49
N GLY C 212 10.44 1.69 50.03
CA GLY C 212 10.67 2.82 50.91
C GLY C 212 12.08 3.33 50.96
N GLU C 213 12.82 3.21 49.88
CA GLU C 213 14.21 3.58 49.94
C GLU C 213 14.63 4.27 48.67
C1 NAG D . 10.81 -7.32 -25.14
C2 NAG D . 11.09 -6.01 -24.42
C3 NAG D . 12.48 -6.05 -23.82
C4 NAG D . 12.63 -7.27 -22.93
C5 NAG D . 12.28 -8.53 -23.70
C6 NAG D . 12.32 -9.73 -22.77
C7 NAG D . 9.82 -4.29 -25.58
C8 NAG D . 9.93 -2.99 -26.31
N2 NAG D . 10.97 -4.88 -25.31
O3 NAG D . 12.66 -4.86 -23.05
O4 NAG D . 13.97 -7.39 -22.47
O5 NAG D . 10.99 -8.43 -24.27
O6 NAG D . 12.32 -10.92 -23.55
O7 NAG D . 8.75 -4.77 -25.27
C1 NAG D . 14.01 -7.10 -21.06
C2 NAG D . 15.34 -7.50 -20.46
C3 NAG D . 15.31 -7.20 -18.96
C4 NAG D . 15.04 -5.73 -18.77
C5 NAG D . 13.71 -5.39 -19.43
C6 NAG D . 13.40 -3.91 -19.30
C7 NAG D . 16.34 -9.26 -21.75
C8 NAG D . 16.61 -10.73 -21.89
N2 NAG D . 15.66 -8.89 -20.68
O3 NAG D . 16.57 -7.53 -18.37
O4 NAG D . 14.98 -5.40 -17.38
O5 NAG D . 13.79 -5.72 -20.81
O6 NAG D . 14.29 -3.20 -20.16
O7 NAG D . 16.74 -8.46 -22.57
C1 NAG E . 12.26 -15.33 -28.21
C2 NAG E . 12.98 -15.53 -29.52
C3 NAG E . 14.07 -16.56 -29.37
C4 NAG E . 15.01 -16.18 -28.25
C5 NAG E . 14.22 -15.96 -26.97
C6 NAG E . 15.13 -15.48 -25.85
C7 NAG E . 11.83 -15.35 -31.64
C8 NAG E . 10.80 -15.95 -32.55
N2 NAG E . 12.08 -16.03 -30.54
O3 NAG E . 14.81 -16.63 -30.60
O4 NAG E . 15.95 -17.24 -28.05
O5 NAG E . 13.18 -15.00 -27.16
O6 NAG E . 14.45 -15.68 -24.62
O7 NAG E . 12.41 -14.32 -31.90
C1 EDO F . 1.86 -1.81 32.03
O1 EDO F . 3.20 -1.82 31.57
C2 EDO F . 1.00 -2.67 31.11
C1 EDO G . -6.67 -13.26 3.91
O1 EDO G . -6.61 -13.89 5.18
C2 EDO G . -6.71 -11.75 4.06
O2 EDO G . -5.46 -11.26 4.54
C1 EDO H . 22.46 -10.24 41.39
O1 EDO H . 21.72 -11.45 41.36
C2 EDO H . 22.11 -9.36 40.18
O2 EDO H . 22.46 -10.01 38.96
C1 EDO I . 10.59 -0.64 1.64
O1 EDO I . 9.66 0.29 2.15
C2 EDO I . 11.74 -0.85 2.62
O2 EDO I . 11.42 -1.86 3.58
C1 EDO J . 19.19 -0.14 9.06
O1 EDO J . 19.38 -0.47 7.70
C2 EDO J . 20.33 -0.77 9.86
O2 EDO J . 20.26 -0.30 11.19
C1 EDO K . 8.25 -15.49 31.24
O1 EDO K . 9.03 -14.30 31.13
C2 EDO K . 7.47 -15.46 32.56
O2 EDO K . 8.15 -16.24 33.53
#